data_2X8Z
#
_entry.id   2X8Z
#
_cell.length_a   173.291
_cell.length_b   173.291
_cell.length_c   101.278
_cell.angle_alpha   90.00
_cell.angle_beta   90.00
_cell.angle_gamma   120.00
#
_symmetry.space_group_name_H-M   'H 3'
#
loop_
_entity.id
_entity.type
_entity.pdbx_description
1 polymer 'ANGIOTENSIN CONVERTING ENZYME'
2 branched beta-D-mannopyranose-(1-6)-alpha-D-mannopyranose-(1-3)-[alpha-D-mannopyranose-(1-6)]beta-D-mannopyranose-(1-4)-2-acetamido-2-deoxy-beta-D-glucopyranose-(1-4)-2-acetamido-2-deoxy-beta-D-glucopyranose
3 non-polymer L-CAPTOPRIL
4 non-polymer 'ZINC ION'
5 non-polymer 2-acetamido-2-deoxy-beta-D-glucopyranose
6 water water
#
_entity_poly.entity_id   1
_entity_poly.type   'polypeptide(L)'
_entity_poly.pdbx_seq_one_letter_code
;ALVKEEIQAKEYLENLNKELAKRTNVETEAAWAYGSNITDENEKKKNEISAELAKFMKEVASDTTKFQWRSYQSEDLKRQ
FKALTKLGYAALPEDDYAELLDTLSAMESNFAKVKVCDYKDSTKCDLALDPEIEEVISKSRDHEELAYYWREFYDKAGTA
VRSQFERYVELNTKAAKLNNFTSGAEAWLDEYEDDTFEQQLEDIFADIRPLYQQIHGYVRFRLRKHYGDAVVSETGPIPM
HLLGNMWAQQWSEIADIVSPFPEKPLVDVSAEMEKQGYTPLKMFQMGDDFFTSMNLTKLPQDFWDKSIIEKPTDGRDLVC
HASAWDFYLTDDVRIKQCTRVTQDQLFTVHHELGHIQYFLQYQHQPFVYRTGANPGFHEAVGDVLSLSVSTPKHLEKIGL
LKDYVRDDEARINQLFLTALDKIVFLPFAFTMDKYRWSLFRGEVDKANWNCAFWKLRDEYSGIEPPVVRSEKDFDAPAKY
HISADVEYLRYLVSFIIQFQFYKSACIKAGQYDPDNVELPLDNCDIYGSAAAGAAFHNMLSMGASKPWPDALEAFNGERI
MSGKAIAEYFEPLRVWLEAENIKNNVHIGWTTSNKCVS
;
_entity_poly.pdbx_strand_id   A
#
loop_
_chem_comp.id
_chem_comp.type
_chem_comp.name
_chem_comp.formula
BMA D-saccharide, beta linking beta-D-mannopyranose 'C6 H12 O6'
MAN D-saccharide, alpha linking alpha-D-mannopyranose 'C6 H12 O6'
NAG D-saccharide, beta linking 2-acetamido-2-deoxy-beta-D-glucopyranose 'C8 H15 N O6'
X8Z non-polymer L-CAPTOPRIL 'C9 H15 N O3 S'
ZN non-polymer 'ZINC ION' 'Zn 2'
#
# COMPACT_ATOMS: atom_id res chain seq x y z
N ALA A 1 -9.48 -45.78 9.02
CA ALA A 1 -9.78 -45.05 10.29
C ALA A 1 -8.97 -43.75 10.41
N LEU A 2 -9.45 -42.85 11.26
CA LEU A 2 -9.01 -41.46 11.29
C LEU A 2 -7.62 -41.20 11.87
N VAL A 3 -7.24 -41.97 12.89
CA VAL A 3 -5.92 -41.82 13.52
C VAL A 3 -4.80 -42.10 12.52
N LYS A 4 -4.93 -43.18 11.75
CA LYS A 4 -3.94 -43.55 10.74
C LYS A 4 -3.92 -42.56 9.57
N GLU A 5 -5.11 -42.07 9.19
CA GLU A 5 -5.22 -41.12 8.09
C GLU A 5 -4.57 -39.78 8.42
N GLU A 6 -4.73 -39.32 9.65
CA GLU A 6 -4.16 -38.04 10.10
C GLU A 6 -2.63 -38.05 10.09
N ILE A 7 -2.04 -39.21 10.39
CA ILE A 7 -0.59 -39.41 10.25
C ILE A 7 -0.18 -39.32 8.78
N GLN A 8 -0.92 -40.00 7.91
CA GLN A 8 -0.66 -39.96 6.48
C GLN A 8 -0.83 -38.56 5.89
N ALA A 9 -1.84 -37.84 6.39
CA ALA A 9 -2.13 -36.47 5.96
C ALA A 9 -0.99 -35.52 6.29
N LYS A 10 -0.41 -35.67 7.48
CA LYS A 10 0.73 -34.86 7.91
C LYS A 10 1.90 -35.03 6.94
N GLU A 11 2.16 -36.27 6.54
CA GLU A 11 3.21 -36.59 5.56
C GLU A 11 2.86 -36.07 4.17
N TYR A 12 1.59 -36.16 3.79
CA TYR A 12 1.10 -35.63 2.52
C TYR A 12 1.32 -34.11 2.42
N LEU A 13 1.04 -33.40 3.52
CA LEU A 13 1.18 -31.95 3.55
C LEU A 13 2.64 -31.50 3.48
N GLU A 14 3.51 -32.19 4.21
CA GLU A 14 4.95 -31.87 4.19
C GLU A 14 5.51 -31.88 2.77
N ASN A 15 5.21 -32.94 2.02
CA ASN A 15 5.67 -33.08 0.64
CA ASN A 15 5.67 -33.09 0.64
C ASN A 15 5.02 -32.07 -0.29
N LEU A 16 3.71 -31.89 -0.16
CA LEU A 16 2.96 -30.98 -1.02
C LEU A 16 3.40 -29.52 -0.85
N ASN A 17 3.58 -29.08 0.40
CA ASN A 17 4.09 -27.74 0.67
C ASN A 17 5.41 -27.48 -0.05
N LYS A 18 6.35 -28.41 0.08
CA LYS A 18 7.65 -28.31 -0.61
C LYS A 18 7.49 -28.27 -2.12
N GLU A 19 6.56 -29.05 -2.66
CA GLU A 19 6.26 -29.03 -4.09
C GLU A 19 5.65 -27.71 -4.55
N LEU A 20 4.75 -27.16 -3.75
CA LEU A 20 4.11 -25.89 -4.07
C LEU A 20 5.12 -24.75 -4.08
N ALA A 21 6.04 -24.76 -3.13
CA ALA A 21 7.12 -23.77 -3.05
C ALA A 21 7.96 -23.77 -4.33
N LYS A 22 8.33 -24.97 -4.77
CA LYS A 22 9.16 -25.15 -5.95
C LYS A 22 8.46 -24.75 -7.25
N ARG A 23 7.18 -25.12 -7.39
CA ARG A 23 6.39 -24.73 -8.55
C ARG A 23 6.13 -23.22 -8.60
N THR A 24 5.95 -22.62 -7.42
CA THR A 24 5.68 -21.19 -7.31
C THR A 24 6.94 -20.38 -7.61
N ASN A 25 8.10 -20.94 -7.26
CA ASN A 25 9.39 -20.35 -7.62
C ASN A 25 9.49 -20.09 -9.13
N VAL A 26 9.07 -21.07 -9.94
CA VAL A 26 9.09 -20.96 -11.40
C VAL A 26 8.16 -19.86 -11.91
N GLU A 27 6.94 -19.79 -11.36
CA GLU A 27 6.00 -18.74 -11.73
C GLU A 27 6.54 -17.36 -11.36
N THR A 28 7.13 -17.26 -10.16
CA THR A 28 7.67 -15.99 -9.66
C THR A 28 8.81 -15.46 -10.53
N GLU A 29 9.71 -16.35 -10.97
CA GLU A 29 10.82 -15.98 -11.84
C GLU A 29 10.32 -15.38 -13.15
N ALA A 30 9.30 -16.01 -13.74
CA ALA A 30 8.70 -15.51 -14.97
C ALA A 30 7.95 -14.19 -14.75
N ALA A 31 7.31 -14.03 -13.59
CA ALA A 31 6.62 -12.78 -13.24
C ALA A 31 7.62 -11.66 -12.98
N TRP A 32 8.76 -12.01 -12.36
CA TRP A 32 9.85 -11.08 -12.12
C TRP A 32 10.46 -10.61 -13.45
N ALA A 33 10.70 -11.56 -14.36
CA ALA A 33 11.29 -11.25 -15.66
C ALA A 33 10.42 -10.31 -16.47
N TYR A 34 9.10 -10.48 -16.35
CA TYR A 34 8.15 -9.64 -17.07
C TYR A 34 8.08 -8.23 -16.50
N GLY A 35 8.02 -8.13 -15.17
CA GLY A 35 7.95 -6.85 -14.48
C GLY A 35 9.21 -6.01 -14.69
N SER A 36 10.33 -6.71 -14.88
CA SER A 36 11.64 -6.08 -15.09
C SER A 36 11.90 -5.74 -16.54
N ASN A 37 11.11 -6.33 -17.44
CA ASN A 37 11.39 -6.31 -18.87
C ASN A 37 10.13 -6.66 -19.66
N ILE A 38 9.23 -5.69 -19.82
CA ILE A 38 7.96 -5.92 -20.51
C ILE A 38 8.14 -6.15 -22.01
N THR A 39 7.91 -7.38 -22.44
CA THR A 39 7.92 -7.75 -23.86
C THR A 39 6.82 -8.78 -24.12
N ASP A 40 6.40 -8.91 -25.37
CA ASP A 40 5.40 -9.91 -25.77
C ASP A 40 5.85 -11.33 -25.43
N GLU A 41 7.15 -11.59 -25.57
CA GLU A 41 7.73 -12.89 -25.27
C GLU A 41 7.68 -13.20 -23.77
N ASN A 42 8.06 -12.21 -22.95
CA ASN A 42 8.00 -12.35 -21.50
C ASN A 42 6.57 -12.46 -20.95
N GLU A 43 5.64 -11.75 -21.59
CA GLU A 43 4.21 -11.83 -21.27
C GLU A 43 3.70 -13.26 -21.49
N LYS A 44 4.00 -13.80 -22.67
CA LYS A 44 3.64 -15.17 -23.05
C LYS A 44 4.16 -16.18 -22.03
N LYS A 45 5.42 -16.04 -21.64
CA LYS A 45 6.07 -16.94 -20.70
C LYS A 45 5.47 -16.87 -19.30
N LYS A 46 5.23 -15.65 -18.81
CA LYS A 46 4.61 -15.45 -17.49
C LYS A 46 3.24 -16.13 -17.43
N ASN A 47 2.41 -15.88 -18.43
CA ASN A 47 1.03 -16.37 -18.44
C ASN A 47 0.89 -17.86 -18.68
N GLU A 48 1.83 -18.44 -19.42
CA GLU A 48 1.83 -19.89 -19.68
C GLU A 48 2.20 -20.70 -18.44
N ILE A 49 3.20 -20.22 -17.69
CA ILE A 49 3.61 -20.85 -16.43
C ILE A 49 2.50 -20.74 -15.37
N SER A 50 1.83 -19.60 -15.32
CA SER A 50 0.72 -19.38 -14.38
C SER A 50 -0.42 -20.36 -14.64
N ALA A 51 -0.77 -20.50 -15.92
CA ALA A 51 -1.77 -21.48 -16.37
C ALA A 51 -1.42 -22.90 -15.94
N GLU A 52 -0.14 -23.25 -16.02
CA GLU A 52 0.35 -24.57 -15.61
C GLU A 52 0.22 -24.79 -14.10
N LEU A 53 0.58 -23.77 -13.32
CA LEU A 53 0.45 -23.84 -11.86
C LEU A 53 -1.03 -23.90 -11.44
N ALA A 54 -1.88 -23.15 -12.13
CA ALA A 54 -3.31 -23.16 -11.87
C ALA A 54 -3.89 -24.56 -12.06
N LYS A 55 -3.46 -25.24 -13.12
CA LYS A 55 -3.88 -26.60 -13.41
C LYS A 55 -3.51 -27.55 -12.28
N PHE A 56 -2.31 -27.37 -11.72
CA PHE A 56 -1.85 -28.17 -10.59
C PHE A 56 -2.65 -27.87 -9.30
N MET A 57 -2.96 -26.61 -9.06
CA MET A 57 -3.76 -26.20 -7.90
C MET A 57 -5.14 -26.86 -7.89
N LYS A 58 -5.77 -26.93 -9.07
CA LYS A 58 -7.03 -27.64 -9.26
C LYS A 58 -6.95 -29.09 -8.81
N GLU A 59 -5.88 -29.78 -9.20
CA GLU A 59 -5.65 -31.16 -8.83
C GLU A 59 -5.48 -31.29 -7.32
N VAL A 60 -4.75 -30.34 -6.72
CA VAL A 60 -4.55 -30.31 -5.28
C VAL A 60 -5.89 -30.15 -4.55
N ALA A 61 -6.68 -29.15 -4.95
CA ALA A 61 -7.97 -28.90 -4.32
C ALA A 61 -8.88 -30.13 -4.42
N SER A 62 -8.82 -30.81 -5.56
CA SER A 62 -9.54 -32.06 -5.77
C SER A 62 -9.05 -33.17 -4.83
N ASP A 63 -7.72 -33.24 -4.65
CA ASP A 63 -7.10 -34.25 -3.77
C ASP A 63 -7.41 -34.07 -2.28
N THR A 64 -7.68 -32.84 -1.84
CA THR A 64 -8.05 -32.60 -0.44
C THR A 64 -9.33 -33.35 -0.03
N THR A 65 -10.23 -33.59 -0.99
CA THR A 65 -11.49 -34.29 -0.73
C THR A 65 -11.28 -35.77 -0.40
N LYS A 66 -10.09 -36.28 -0.70
CA LYS A 66 -9.72 -37.65 -0.35
C LYS A 66 -9.34 -37.81 1.12
N PHE A 67 -9.15 -36.67 1.80
CA PHE A 67 -8.83 -36.66 3.22
C PHE A 67 -10.01 -36.13 4.03
N GLN A 68 -10.30 -36.80 5.15
CA GLN A 68 -11.34 -36.36 6.08
C GLN A 68 -10.84 -35.23 6.96
N TRP A 69 -10.28 -34.18 6.35
CA TRP A 69 -9.52 -33.19 7.11
C TRP A 69 -10.31 -32.42 8.17
N ARG A 70 -11.60 -32.17 7.91
CA ARG A 70 -12.45 -31.50 8.88
C ARG A 70 -12.66 -32.31 10.17
N SER A 71 -12.39 -33.60 10.11
CA SER A 71 -12.53 -34.51 11.25
C SER A 71 -11.27 -34.61 12.12
N TYR A 72 -10.17 -33.98 11.68
CA TYR A 72 -8.88 -34.17 12.36
C TYR A 72 -8.79 -33.48 13.71
N GLN A 73 -7.87 -33.96 14.53
CA GLN A 73 -7.63 -33.40 15.88
C GLN A 73 -6.77 -32.15 15.82
N SER A 74 -5.79 -32.13 14.93
CA SER A 74 -4.82 -31.04 14.85
C SER A 74 -5.38 -29.81 14.14
N GLU A 75 -5.45 -28.70 14.87
CA GLU A 75 -5.87 -27.41 14.30
C GLU A 75 -4.90 -26.98 13.20
N ASP A 76 -3.62 -27.28 13.39
CA ASP A 76 -2.57 -26.96 12.43
C ASP A 76 -2.80 -27.67 11.09
N LEU A 77 -3.05 -28.98 11.14
CA LEU A 77 -3.30 -29.74 9.92
C LEU A 77 -4.56 -29.25 9.20
N LYS A 78 -5.63 -29.04 9.97
CA LYS A 78 -6.89 -28.54 9.42
C LYS A 78 -6.72 -27.18 8.75
N ARG A 79 -5.92 -26.30 9.35
CA ARG A 79 -5.68 -24.97 8.81
C ARG A 79 -4.96 -25.02 7.46
N GLN A 80 -3.96 -25.90 7.37
CA GLN A 80 -3.20 -26.11 6.13
C GLN A 80 -4.09 -26.65 5.01
N PHE A 81 -4.90 -27.65 5.33
CA PHE A 81 -5.84 -28.20 4.35
C PHE A 81 -6.83 -27.15 3.86
N LYS A 82 -7.33 -26.34 4.78
CA LYS A 82 -8.25 -25.26 4.41
C LYS A 82 -7.61 -24.29 3.41
N ALA A 83 -6.36 -23.91 3.68
CA ALA A 83 -5.61 -23.04 2.76
C ALA A 83 -5.52 -23.63 1.34
N LEU A 84 -5.35 -24.95 1.26
CA LEU A 84 -5.27 -25.66 -0.03
C LEU A 84 -6.60 -25.75 -0.80
N THR A 85 -7.73 -25.63 -0.12
CA THR A 85 -9.02 -25.69 -0.79
C THR A 85 -9.34 -24.38 -1.52
N LYS A 86 -8.67 -23.31 -1.11
CA LYS A 86 -8.92 -21.98 -1.67
C LYS A 86 -8.12 -21.76 -2.94
N LEU A 87 -8.81 -21.85 -4.07
CA LEU A 87 -8.18 -21.82 -5.40
C LEU A 87 -7.97 -20.43 -5.98
N GLY A 88 -8.85 -19.49 -5.64
CA GLY A 88 -8.84 -18.17 -6.27
C GLY A 88 -9.12 -18.30 -7.76
N TYR A 89 -8.37 -17.57 -8.57
CA TYR A 89 -8.54 -17.59 -10.03
C TYR A 89 -8.32 -18.98 -10.64
N ALA A 90 -7.51 -19.79 -9.98
CA ALA A 90 -7.22 -21.15 -10.44
C ALA A 90 -8.45 -22.05 -10.56
N ALA A 91 -9.57 -21.64 -9.94
CA ALA A 91 -10.83 -22.39 -10.04
C ALA A 91 -11.52 -22.26 -11.40
N LEU A 92 -11.12 -21.23 -12.17
CA LEU A 92 -11.68 -21.00 -13.50
C LEU A 92 -11.32 -22.11 -14.48
N PRO A 93 -12.21 -22.39 -15.46
CA PRO A 93 -11.86 -23.30 -16.56
C PRO A 93 -10.60 -22.82 -17.28
N GLU A 94 -9.87 -23.75 -17.89
CA GLU A 94 -8.60 -23.48 -18.55
C GLU A 94 -8.63 -22.26 -19.46
N ASP A 95 -9.62 -22.18 -20.34
CA ASP A 95 -9.76 -21.08 -21.29
C ASP A 95 -10.08 -19.74 -20.61
N ASP A 96 -10.96 -19.78 -19.60
CA ASP A 96 -11.33 -18.58 -18.84
C ASP A 96 -10.17 -18.01 -18.04
N TYR A 97 -9.34 -18.91 -17.50
CA TYR A 97 -8.16 -18.49 -16.76
C TYR A 97 -7.13 -17.85 -17.69
N ALA A 98 -6.98 -18.41 -18.88
CA ALA A 98 -6.04 -17.89 -19.88
C ALA A 98 -6.46 -16.50 -20.36
N GLU A 99 -7.76 -16.31 -20.57
CA GLU A 99 -8.30 -15.01 -20.95
C GLU A 99 -8.12 -13.97 -19.83
N LEU A 100 -8.31 -14.38 -18.58
CA LEU A 100 -8.10 -13.49 -17.45
C LEU A 100 -6.64 -13.04 -17.33
N LEU A 101 -5.72 -13.99 -17.50
CA LEU A 101 -4.29 -13.67 -17.52
C LEU A 101 -3.91 -12.66 -18.60
N ASP A 102 -4.45 -12.85 -19.81
CA ASP A 102 -4.19 -11.93 -20.93
C ASP A 102 -4.78 -10.55 -20.65
N THR A 103 -5.93 -10.53 -19.97
CA THR A 103 -6.59 -9.29 -19.59
C THR A 103 -5.77 -8.51 -18.54
N LEU A 104 -5.29 -9.22 -17.52
CA LEU A 104 -4.49 -8.62 -16.46
C LEU A 104 -3.17 -8.02 -16.96
N SER A 105 -2.47 -8.75 -17.83
CA SER A 105 -1.21 -8.25 -18.37
C SER A 105 -1.45 -7.09 -19.35
N ALA A 106 -2.57 -7.13 -20.07
CA ALA A 106 -2.96 -6.01 -20.93
C ALA A 106 -3.12 -4.72 -20.12
N MET A 107 -3.72 -4.82 -18.94
CA MET A 107 -3.94 -3.66 -18.08
C MET A 107 -2.66 -3.17 -17.40
N GLU A 108 -1.87 -4.10 -16.87
CA GLU A 108 -0.63 -3.73 -16.18
C GLU A 108 0.38 -3.13 -17.16
N SER A 109 0.46 -3.69 -18.36
CA SER A 109 1.42 -3.22 -19.36
C SER A 109 1.02 -1.86 -19.95
N ASN A 110 -0.28 -1.66 -20.14
CA ASN A 110 -0.79 -0.35 -20.52
C ASN A 110 -0.35 0.72 -19.53
N PHE A 111 -0.56 0.45 -18.23
CA PHE A 111 -0.18 1.38 -17.17
C PHE A 111 1.31 1.68 -17.18
N ALA A 112 2.11 0.62 -17.34
CA ALA A 112 3.56 0.75 -17.29
C ALA A 112 4.13 1.47 -18.51
N LYS A 113 3.41 1.41 -19.64
CA LYS A 113 3.88 2.00 -20.89
C LYS A 113 3.37 3.42 -21.17
N VAL A 114 2.63 4.00 -20.23
CA VAL A 114 2.05 5.34 -20.40
C VAL A 114 3.15 6.40 -20.58
N LYS A 115 3.05 7.15 -21.68
CA LYS A 115 3.95 8.26 -21.97
C LYS A 115 3.13 9.47 -22.38
N VAL A 116 3.47 10.65 -21.87
CA VAL A 116 2.77 11.87 -22.24
C VAL A 116 3.72 12.89 -22.86
N CYS A 117 3.14 13.89 -23.53
CA CYS A 117 3.91 14.97 -24.15
C CYS A 117 4.18 16.09 -23.15
N ASP A 118 5.36 16.69 -23.26
CA ASP A 118 5.75 17.81 -22.43
C ASP A 118 4.78 18.98 -22.60
N TYR A 119 4.41 19.60 -21.48
CA TYR A 119 3.48 20.72 -21.46
C TYR A 119 3.98 21.93 -22.26
N LYS A 120 5.29 22.16 -22.20
CA LYS A 120 5.92 23.30 -22.88
C LYS A 120 6.52 22.93 -24.24
N ASP A 121 6.61 21.63 -24.51
CA ASP A 121 7.24 21.13 -25.73
C ASP A 121 6.47 19.93 -26.28
N SER A 122 5.51 20.21 -27.17
CA SER A 122 4.63 19.17 -27.72
C SER A 122 5.35 18.21 -28.67
N THR A 123 6.65 18.36 -28.84
CA THR A 123 7.38 17.37 -29.62
C THR A 123 8.09 16.37 -28.77
N LYS A 124 8.31 16.71 -27.51
CA LYS A 124 8.91 15.76 -26.58
C LYS A 124 7.80 14.94 -25.89
N CYS A 125 7.58 13.71 -26.38
CA CYS A 125 6.48 12.88 -25.87
C CYS A 125 6.91 11.57 -25.21
N ASP A 126 7.93 11.66 -24.36
CA ASP A 126 8.49 10.47 -23.70
C ASP A 126 8.54 10.60 -22.18
N LEU A 127 7.65 11.41 -21.62
CA LEU A 127 7.56 11.59 -20.17
C LEU A 127 6.72 10.47 -19.57
N ALA A 128 7.34 9.68 -18.69
CA ALA A 128 6.65 8.61 -17.99
C ALA A 128 6.20 9.10 -16.61
N LEU A 129 5.23 8.40 -16.01
CA LEU A 129 4.76 8.74 -14.67
C LEU A 129 5.94 8.80 -13.70
N ASP A 130 6.75 7.75 -13.70
CA ASP A 130 7.93 7.65 -12.86
C ASP A 130 9.18 7.73 -13.73
N PRO A 131 9.97 8.81 -13.59
CA PRO A 131 9.81 9.89 -12.62
C PRO A 131 9.25 11.23 -13.16
N GLU A 132 9.10 11.36 -14.48
CA GLU A 132 8.83 12.67 -15.10
C GLU A 132 7.53 13.36 -14.66
N ILE A 133 6.40 12.68 -14.81
CA ILE A 133 5.10 13.30 -14.49
C ILE A 133 4.98 13.53 -12.98
N GLU A 134 5.41 12.55 -12.19
CA GLU A 134 5.35 12.65 -10.73
C GLU A 134 6.20 13.80 -10.17
N GLU A 135 7.31 14.09 -10.83
CA GLU A 135 8.16 15.22 -10.44
C GLU A 135 7.38 16.53 -10.61
N VAL A 136 6.66 16.67 -11.73
CA VAL A 136 5.84 17.85 -11.98
C VAL A 136 4.71 17.97 -10.96
N ILE A 137 3.93 16.91 -10.81
CA ILE A 137 2.79 16.90 -9.88
C ILE A 137 3.22 17.32 -8.47
N SER A 138 4.38 16.82 -8.04
CA SER A 138 4.89 17.09 -6.70
C SER A 138 5.51 18.48 -6.51
N LYS A 139 6.03 19.07 -7.60
CA LYS A 139 6.80 20.31 -7.49
C LYS A 139 6.18 21.55 -8.13
N SER A 140 5.45 21.38 -9.24
CA SER A 140 4.83 22.51 -9.91
C SER A 140 3.73 23.16 -9.06
N ARG A 141 3.72 24.49 -9.02
CA ARG A 141 2.63 25.22 -8.40
C ARG A 141 1.88 26.05 -9.44
N ASP A 142 1.93 25.59 -10.69
CA ASP A 142 1.19 26.18 -11.79
C ASP A 142 -0.04 25.31 -12.03
N HIS A 143 -1.20 25.81 -11.60
CA HIS A 143 -2.42 25.00 -11.61
C HIS A 143 -2.83 24.52 -13.01
N GLU A 144 -2.55 25.31 -14.04
CA GLU A 144 -2.90 24.89 -15.39
C GLU A 144 -1.95 23.80 -15.92
N GLU A 145 -0.68 23.90 -15.56
CA GLU A 145 0.28 22.84 -15.88
C GLU A 145 -0.13 21.53 -15.19
N LEU A 146 -0.42 21.62 -13.89
CA LEU A 146 -0.86 20.46 -13.10
C LEU A 146 -2.09 19.78 -13.71
N ALA A 147 -3.07 20.58 -14.12
CA ALA A 147 -4.30 20.07 -14.74
C ALA A 147 -4.05 19.41 -16.10
N TYR A 148 -3.09 19.94 -16.85
CA TYR A 148 -2.71 19.35 -18.14
C TYR A 148 -2.20 17.92 -17.93
N TYR A 149 -1.28 17.76 -16.98
CA TYR A 149 -0.66 16.46 -16.75
C TYR A 149 -1.64 15.46 -16.15
N TRP A 150 -2.54 15.95 -15.32
CA TRP A 150 -3.61 15.14 -14.75
C TRP A 150 -4.48 14.53 -15.86
N ARG A 151 -4.98 15.39 -16.75
CA ARG A 151 -5.87 14.94 -17.83
C ARG A 151 -5.16 13.95 -18.76
N GLU A 152 -3.93 14.26 -19.14
CA GLU A 152 -3.16 13.40 -20.03
C GLU A 152 -2.93 12.03 -19.41
N PHE A 153 -2.52 12.01 -18.14
CA PHE A 153 -2.27 10.73 -17.49
C PHE A 153 -3.54 9.88 -17.35
N TYR A 154 -4.60 10.45 -16.80
CA TYR A 154 -5.84 9.71 -16.55
C TYR A 154 -6.48 9.18 -17.84
N ASP A 155 -6.41 9.98 -18.91
CA ASP A 155 -6.91 9.55 -20.23
C ASP A 155 -6.17 8.32 -20.75
N LYS A 156 -4.86 8.26 -20.51
CA LYS A 156 -4.01 7.16 -21.02
C LYS A 156 -3.93 5.95 -20.10
N ALA A 157 -3.88 6.19 -18.80
CA ALA A 157 -3.75 5.11 -17.83
C ALA A 157 -5.10 4.56 -17.40
N GLY A 158 -6.13 5.39 -17.49
CA GLY A 158 -7.47 5.01 -17.04
C GLY A 158 -8.41 4.63 -18.17
N THR A 159 -8.87 5.63 -18.90
CA THR A 159 -9.89 5.45 -19.95
C THR A 159 -9.52 4.38 -20.98
N ALA A 160 -8.23 4.30 -21.32
CA ALA A 160 -7.74 3.39 -22.36
C ALA A 160 -8.01 1.89 -22.09
N VAL A 161 -8.23 1.52 -20.83
CA VAL A 161 -8.43 0.11 -20.50
C VAL A 161 -9.83 -0.26 -19.98
N ARG A 162 -10.82 0.58 -20.28
CA ARG A 162 -12.19 0.35 -19.82
C ARG A 162 -12.71 -1.04 -20.21
N SER A 163 -12.62 -1.39 -21.50
CA SER A 163 -13.14 -2.68 -21.98
C SER A 163 -12.45 -3.87 -21.32
N GLN A 164 -11.13 -3.79 -21.15
CA GLN A 164 -10.36 -4.81 -20.44
C GLN A 164 -10.80 -4.92 -18.98
N PHE A 165 -10.99 -3.77 -18.34
CA PHE A 165 -11.41 -3.75 -16.94
C PHE A 165 -12.79 -4.40 -16.77
N GLU A 166 -13.70 -4.14 -17.70
CA GLU A 166 -15.03 -4.76 -17.71
C GLU A 166 -14.97 -6.29 -17.76
N ARG A 167 -14.08 -6.82 -18.59
CA ARG A 167 -13.92 -8.26 -18.73
C ARG A 167 -13.27 -8.87 -17.48
N TYR A 168 -12.36 -8.11 -16.87
CA TYR A 168 -11.70 -8.51 -15.63
C TYR A 168 -12.70 -8.65 -14.49
N VAL A 169 -13.61 -7.68 -14.34
CA VAL A 169 -14.67 -7.74 -13.33
C VAL A 169 -15.54 -8.99 -13.52
N GLU A 170 -15.92 -9.26 -14.78
CA GLU A 170 -16.69 -10.46 -15.13
C GLU A 170 -16.01 -11.77 -14.73
N LEU A 171 -14.72 -11.90 -15.05
CA LEU A 171 -13.97 -13.12 -14.76
C LEU A 171 -13.60 -13.25 -13.28
N ASN A 172 -13.30 -12.12 -12.64
CA ASN A 172 -13.09 -12.09 -11.20
C ASN A 172 -14.33 -12.61 -10.46
N THR A 173 -15.51 -12.14 -10.87
CA THR A 173 -16.79 -12.57 -10.30
C THR A 173 -17.05 -14.05 -10.52
N LYS A 174 -16.79 -14.52 -11.75
CA LYS A 174 -16.95 -15.93 -12.08
C LYS A 174 -16.05 -16.81 -11.23
N ALA A 175 -14.81 -16.37 -11.04
CA ALA A 175 -13.84 -17.08 -10.21
C ALA A 175 -14.30 -17.17 -8.76
N ALA A 176 -14.74 -16.03 -8.21
CA ALA A 176 -15.23 -15.96 -6.84
C ALA A 176 -16.38 -16.93 -6.61
N LYS A 177 -17.31 -16.98 -7.55
CA LYS A 177 -18.49 -17.84 -7.45
C LYS A 177 -18.16 -19.33 -7.58
N LEU A 178 -17.13 -19.67 -8.36
CA LEU A 178 -16.63 -21.04 -8.42
C LEU A 178 -15.99 -21.48 -7.10
N ASN A 179 -15.55 -20.51 -6.31
CA ASN A 179 -15.07 -20.77 -4.95
C ASN A 179 -16.18 -20.63 -3.89
N ASN A 180 -17.41 -20.39 -4.37
CA ASN A 180 -18.61 -20.23 -3.53
C ASN A 180 -18.62 -19.00 -2.62
N PHE A 181 -17.82 -17.99 -2.98
CA PHE A 181 -17.99 -16.65 -2.43
C PHE A 181 -19.03 -15.93 -3.29
N THR A 182 -19.71 -14.94 -2.71
CA THR A 182 -20.70 -14.17 -3.44
C THR A 182 -20.08 -13.35 -4.59
N SER A 183 -18.90 -12.79 -4.33
CA SER A 183 -18.20 -11.96 -5.30
C SER A 183 -16.73 -11.85 -4.89
N GLY A 184 -15.95 -11.14 -5.70
CA GLY A 184 -14.54 -10.91 -5.39
C GLY A 184 -14.30 -10.12 -4.12
N ALA A 185 -15.31 -9.36 -3.69
CA ALA A 185 -15.22 -8.62 -2.43
C ALA A 185 -15.07 -9.60 -1.28
N GLU A 186 -15.93 -10.62 -1.26
CA GLU A 186 -15.92 -11.65 -0.21
C GLU A 186 -14.65 -12.49 -0.30
N ALA A 187 -14.19 -12.77 -1.52
CA ALA A 187 -12.93 -13.48 -1.72
C ALA A 187 -11.75 -12.74 -1.08
N TRP A 188 -11.67 -11.42 -1.32
CA TRP A 188 -10.61 -10.61 -0.70
C TRP A 188 -10.75 -10.54 0.82
N LEU A 189 -11.97 -10.33 1.30
CA LEU A 189 -12.22 -10.18 2.73
C LEU A 189 -11.96 -11.46 3.53
N ASP A 190 -12.03 -12.60 2.86
CA ASP A 190 -11.72 -13.89 3.47
C ASP A 190 -10.31 -13.95 4.07
N GLU A 191 -9.37 -13.21 3.49
CA GLU A 191 -8.00 -13.14 4.00
C GLU A 191 -7.87 -12.59 5.42
N TYR A 192 -8.90 -11.89 5.90
CA TYR A 192 -8.89 -11.30 7.24
C TYR A 192 -9.54 -12.18 8.32
N GLU A 193 -10.08 -13.33 7.90
CA GLU A 193 -10.64 -14.34 8.81
C GLU A 193 -11.52 -13.75 9.93
N ASP A 194 -12.45 -12.88 9.55
CA ASP A 194 -13.30 -12.21 10.52
C ASP A 194 -14.54 -11.68 9.81
N ASP A 195 -15.70 -12.25 10.14
CA ASP A 195 -16.95 -11.93 9.45
C ASP A 195 -17.51 -10.53 9.75
N THR A 196 -16.91 -9.83 10.72
CA THR A 196 -17.33 -8.46 11.04
C THR A 196 -16.28 -7.43 10.64
N PHE A 197 -15.33 -7.84 9.80
CA PHE A 197 -14.18 -7.00 9.47
C PHE A 197 -14.57 -5.66 8.83
N GLU A 198 -15.51 -5.68 7.90
CA GLU A 198 -15.99 -4.44 7.26
C GLU A 198 -16.58 -3.47 8.26
N GLN A 199 -17.44 -3.96 9.13
CA GLN A 199 -18.03 -3.13 10.18
C GLN A 199 -16.98 -2.57 11.13
N GLN A 200 -15.97 -3.38 11.45
CA GLN A 200 -14.87 -2.93 12.31
C GLN A 200 -14.16 -1.72 11.73
N LEU A 201 -13.86 -1.78 10.43
CA LEU A 201 -13.23 -0.67 9.72
C LEU A 201 -14.13 0.57 9.61
N GLU A 202 -15.42 0.36 9.32
CA GLU A 202 -16.38 1.47 9.32
C GLU A 202 -16.36 2.22 10.66
N ASP A 203 -16.38 1.45 11.76
CA ASP A 203 -16.35 2.02 13.11
C ASP A 203 -15.05 2.80 13.38
N ILE A 204 -13.91 2.21 13.03
CA ILE A 204 -12.63 2.91 13.23
C ILE A 204 -12.55 4.16 12.36
N PHE A 205 -12.97 4.05 11.10
CA PHE A 205 -12.97 5.21 10.20
C PHE A 205 -13.85 6.33 10.74
N ALA A 206 -15.02 5.99 11.27
CA ALA A 206 -15.93 7.00 11.82
C ALA A 206 -15.30 7.80 12.99
N ASP A 207 -14.46 7.14 13.78
CA ASP A 207 -13.74 7.79 14.88
C ASP A 207 -12.65 8.77 14.40
N ILE A 208 -12.03 8.48 13.26
CA ILE A 208 -10.92 9.32 12.76
C ILE A 208 -11.41 10.38 11.78
N ARG A 209 -12.60 10.17 11.23
CA ARG A 209 -13.17 11.06 10.23
C ARG A 209 -13.25 12.53 10.65
N PRO A 210 -13.64 12.83 11.91
CA PRO A 210 -13.67 14.24 12.30
C PRO A 210 -12.30 14.92 12.22
N LEU A 211 -11.24 14.20 12.57
CA LEU A 211 -9.88 14.76 12.46
C LEU A 211 -9.53 15.03 10.99
N TYR A 212 -9.89 14.09 10.12
CA TYR A 212 -9.65 14.28 8.68
C TYR A 212 -10.35 15.53 8.14
N GLN A 213 -11.59 15.75 8.59
CA GLN A 213 -12.37 16.93 8.20
C GLN A 213 -11.66 18.24 8.57
N GLN A 214 -11.03 18.25 9.75
CA GLN A 214 -10.30 19.43 10.23
C GLN A 214 -9.05 19.70 9.40
N ILE A 215 -8.35 18.63 9.02
CA ILE A 215 -7.15 18.74 8.18
C ILE A 215 -7.53 19.21 6.78
N HIS A 216 -8.58 18.59 6.21
CA HIS A 216 -9.13 18.96 4.92
C HIS A 216 -9.49 20.45 4.91
N GLY A 217 -10.23 20.89 5.93
CA GLY A 217 -10.66 22.28 6.05
C GLY A 217 -9.50 23.26 6.09
N TYR A 218 -8.50 22.95 6.91
CA TYR A 218 -7.33 23.81 7.04
C TYR A 218 -6.49 23.86 5.75
N VAL A 219 -6.28 22.72 5.12
CA VAL A 219 -5.55 22.66 3.85
C VAL A 219 -6.24 23.49 2.76
N ARG A 220 -7.56 23.35 2.66
CA ARG A 220 -8.36 24.11 1.69
C ARG A 220 -8.22 25.62 1.90
N PHE A 221 -8.30 26.03 3.16
CA PHE A 221 -8.08 27.42 3.58
C PHE A 221 -6.71 27.93 3.10
N ARG A 222 -5.66 27.16 3.37
CA ARG A 222 -4.32 27.55 3.00
C ARG A 222 -4.09 27.56 1.48
N LEU A 223 -4.74 26.62 0.77
CA LEU A 223 -4.68 26.58 -0.70
C LEU A 223 -5.37 27.77 -1.37
N ARG A 224 -6.44 28.26 -0.75
CA ARG A 224 -7.12 29.49 -1.22
C ARG A 224 -6.20 30.70 -1.16
N LYS A 225 -5.40 30.79 -0.11
CA LYS A 225 -4.46 31.91 0.05
C LYS A 225 -3.35 31.86 -0.99
N HIS A 226 -2.98 30.65 -1.42
CA HIS A 226 -1.93 30.46 -2.42
C HIS A 226 -2.44 30.64 -3.86
N TYR A 227 -3.51 29.94 -4.21
CA TYR A 227 -4.01 29.92 -5.58
C TYR A 227 -5.11 30.96 -5.87
N GLY A 228 -5.76 31.45 -4.82
CA GLY A 228 -6.88 32.38 -4.99
C GLY A 228 -8.20 31.66 -5.09
N ASP A 229 -9.28 32.39 -4.86
CA ASP A 229 -10.63 31.80 -4.81
C ASP A 229 -11.20 31.40 -6.18
N ALA A 230 -10.57 31.85 -7.26
CA ALA A 230 -10.93 31.40 -8.62
C ALA A 230 -10.55 29.93 -8.87
N VAL A 231 -9.52 29.45 -8.18
CA VAL A 231 -9.04 28.07 -8.32
C VAL A 231 -9.60 27.14 -7.23
N VAL A 232 -9.70 27.66 -6.00
CA VAL A 232 -10.16 26.90 -4.84
C VAL A 232 -11.32 27.62 -4.14
N SER A 233 -12.49 26.97 -4.10
CA SER A 233 -13.64 27.54 -3.40
C SER A 233 -13.60 27.20 -1.91
N GLU A 234 -14.23 28.05 -1.10
CA GLU A 234 -14.31 27.82 0.36
C GLU A 234 -15.14 26.60 0.71
N THR A 235 -16.23 26.38 -0.03
CA THR A 235 -17.24 25.42 0.38
C THR A 235 -17.26 24.13 -0.46
N GLY A 236 -16.49 24.11 -1.55
CA GLY A 236 -16.48 22.96 -2.44
C GLY A 236 -15.37 21.95 -2.15
N PRO A 237 -15.43 20.77 -2.79
CA PRO A 237 -14.33 19.80 -2.73
C PRO A 237 -13.05 20.38 -3.30
N ILE A 238 -11.92 19.97 -2.74
CA ILE A 238 -10.61 20.46 -3.17
C ILE A 238 -10.26 19.89 -4.56
N PRO A 239 -9.89 20.76 -5.51
CA PRO A 239 -9.37 20.29 -6.81
C PRO A 239 -8.11 19.46 -6.57
N MET A 240 -8.15 18.20 -6.98
CA MET A 240 -7.15 17.22 -6.54
C MET A 240 -5.74 17.43 -7.09
N HIS A 241 -5.64 18.07 -8.25
CA HIS A 241 -4.36 18.29 -8.90
C HIS A 241 -3.45 19.25 -8.13
N LEU A 242 -4.01 19.93 -7.12
CA LEU A 242 -3.28 20.87 -6.29
C LEU A 242 -2.67 20.22 -5.05
N LEU A 243 -2.89 18.92 -4.89
CA LEU A 243 -2.53 18.24 -3.64
C LEU A 243 -1.17 17.54 -3.64
N GLY A 244 -0.42 17.68 -4.74
CA GLY A 244 0.96 17.21 -4.80
C GLY A 244 1.15 15.73 -5.08
N ASN A 245 0.06 15.06 -5.45
CA ASN A 245 0.06 13.63 -5.73
C ASN A 245 -1.00 13.33 -6.81
N MET A 246 -0.64 12.48 -7.76
CA MET A 246 -1.51 12.18 -8.92
C MET A 246 -2.90 11.68 -8.53
N TRP A 247 -2.99 11.03 -7.37
CA TRP A 247 -4.24 10.42 -6.90
C TRP A 247 -4.76 11.08 -5.61
N ALA A 248 -4.06 12.13 -5.19
CA ALA A 248 -4.31 12.85 -3.94
C ALA A 248 -4.37 11.92 -2.70
N GLN A 249 -3.59 10.85 -2.73
CA GLN A 249 -3.61 9.87 -1.65
C GLN A 249 -2.82 10.31 -0.42
N GLN A 250 -1.81 11.15 -0.65
CA GLN A 250 -1.00 11.74 0.42
C GLN A 250 -0.66 13.16 0.01
N TRP A 251 -0.69 14.11 0.95
CA TRP A 251 -0.53 15.52 0.60
C TRP A 251 0.79 16.16 1.06
N SER A 252 1.76 15.34 1.47
CA SER A 252 2.98 15.88 2.09
C SER A 252 3.83 16.73 1.15
N GLU A 253 3.69 16.55 -0.16
CA GLU A 253 4.47 17.33 -1.13
C GLU A 253 4.12 18.82 -1.16
N ILE A 254 2.95 19.19 -0.63
CA ILE A 254 2.56 20.61 -0.56
C ILE A 254 2.67 21.18 0.86
N ALA A 255 3.38 20.48 1.74
CA ALA A 255 3.59 20.94 3.11
C ALA A 255 4.19 22.35 3.18
N ASP A 256 5.08 22.69 2.25
CA ASP A 256 5.72 24.01 2.24
C ASP A 256 4.71 25.17 2.09
N ILE A 257 3.55 24.91 1.52
CA ILE A 257 2.54 25.95 1.35
C ILE A 257 1.36 25.88 2.33
N VAL A 258 1.22 24.76 3.04
CA VAL A 258 0.11 24.59 4.00
C VAL A 258 0.54 24.38 5.46
N SER A 259 1.85 24.46 5.72
CA SER A 259 2.39 24.19 7.05
C SER A 259 1.91 25.24 8.06
N PRO A 260 1.49 24.78 9.26
CA PRO A 260 0.97 25.62 10.33
C PRO A 260 1.85 26.82 10.68
N PHE A 261 3.16 26.60 10.80
CA PHE A 261 4.10 27.67 11.17
C PHE A 261 5.23 27.80 10.15
N PRO A 262 4.99 28.58 9.07
CA PRO A 262 5.91 28.69 7.94
C PRO A 262 7.27 29.30 8.27
N GLU A 263 7.37 30.00 9.39
CA GLU A 263 8.63 30.61 9.82
C GLU A 263 9.47 29.65 10.66
N LYS A 264 8.89 28.49 10.98
CA LYS A 264 9.58 27.48 11.77
C LYS A 264 9.97 26.30 10.88
N PRO A 265 10.94 25.47 11.35
CA PRO A 265 11.46 24.40 10.49
C PRO A 265 10.41 23.39 10.01
N LEU A 266 10.53 23.02 8.74
CA LEU A 266 9.76 21.93 8.18
C LEU A 266 10.74 20.92 7.61
N VAL A 267 10.66 19.69 8.09
CA VAL A 267 11.62 18.65 7.73
C VAL A 267 11.46 18.23 6.27
N ASP A 268 12.52 18.48 5.50
CA ASP A 268 12.61 18.07 4.10
C ASP A 268 14.07 17.79 3.77
N VAL A 269 14.48 16.53 3.93
CA VAL A 269 15.91 16.16 3.89
C VAL A 269 16.45 15.82 2.49
N SER A 270 15.59 15.92 1.48
CA SER A 270 15.97 15.60 0.10
C SER A 270 17.25 16.32 -0.36
N ALA A 271 17.31 17.63 -0.10
CA ALA A 271 18.47 18.45 -0.52
C ALA A 271 19.76 18.05 0.20
N GLU A 272 19.66 17.72 1.49
CA GLU A 272 20.81 17.24 2.27
C GLU A 272 21.30 15.88 1.81
N MET A 273 20.37 15.01 1.43
CA MET A 273 20.69 13.69 0.89
C MET A 273 21.55 13.85 -0.37
N GLU A 274 21.10 14.69 -1.29
CA GLU A 274 21.85 15.02 -2.50
C GLU A 274 23.21 15.64 -2.17
N LYS A 275 23.22 16.59 -1.23
CA LYS A 275 24.44 17.27 -0.79
C LYS A 275 25.50 16.27 -0.29
N GLN A 276 25.07 15.27 0.48
CA GLN A 276 25.97 14.26 1.02
C GLN A 276 26.29 13.12 0.04
N GLY A 277 25.77 13.22 -1.19
CA GLY A 277 26.06 12.26 -2.25
C GLY A 277 25.42 10.90 -2.07
N TYR A 278 24.22 10.89 -1.49
CA TYR A 278 23.43 9.67 -1.34
C TYR A 278 23.16 9.00 -2.67
N THR A 279 23.14 7.67 -2.66
CA THR A 279 22.80 6.84 -3.81
C THR A 279 21.69 5.87 -3.42
N PRO A 280 20.99 5.28 -4.40
CA PRO A 280 20.06 4.21 -4.09
C PRO A 280 20.71 3.10 -3.26
N LEU A 281 21.93 2.68 -3.64
CA LEU A 281 22.67 1.66 -2.89
C LEU A 281 22.84 2.03 -1.42
N LYS A 282 23.25 3.28 -1.16
CA LYS A 282 23.41 3.78 0.21
C LYS A 282 22.09 3.76 1.00
N MET A 283 21.00 4.16 0.34
CA MET A 283 19.68 4.16 0.97
C MET A 283 19.28 2.74 1.41
N PHE A 284 19.46 1.77 0.53
CA PHE A 284 19.16 0.37 0.87
C PHE A 284 20.08 -0.17 1.97
N GLN A 285 21.36 0.21 1.91
CA GLN A 285 22.32 -0.18 2.95
C GLN A 285 21.93 0.37 4.32
N MET A 286 21.40 1.59 4.35
CA MET A 286 20.92 2.22 5.58
C MET A 286 19.67 1.55 6.16
N GLY A 287 18.77 1.13 5.28
CA GLY A 287 17.61 0.35 5.68
C GLY A 287 18.03 -0.97 6.30
N ASP A 288 18.97 -1.65 5.63
CA ASP A 288 19.54 -2.90 6.15
C ASP A 288 20.12 -2.69 7.56
N ASP A 289 20.85 -1.59 7.73
CA ASP A 289 21.41 -1.23 9.03
C ASP A 289 20.34 -1.06 10.10
N PHE A 290 19.21 -0.43 9.74
CA PHE A 290 18.12 -0.24 10.69
C PHE A 290 17.58 -1.58 11.19
N PHE A 291 17.31 -2.51 10.28
CA PHE A 291 16.83 -3.84 10.67
C PHE A 291 17.86 -4.59 11.50
N THR A 292 19.11 -4.66 11.02
CA THR A 292 20.17 -5.35 11.76
C THR A 292 20.43 -4.72 13.13
N SER A 293 20.24 -3.39 13.21
CA SER A 293 20.41 -2.66 14.48
C SER A 293 19.40 -3.09 15.54
N MET A 294 18.25 -3.61 15.09
CA MET A 294 17.20 -4.07 15.99
C MET A 294 17.34 -5.56 16.31
N ASN A 295 18.46 -6.15 15.88
CA ASN A 295 18.74 -7.58 16.04
C ASN A 295 17.81 -8.43 15.17
N LEU A 296 17.46 -7.89 14.00
CA LEU A 296 16.70 -8.62 13.00
C LEU A 296 17.63 -9.04 11.87
N THR A 297 17.08 -9.69 10.84
CA THR A 297 17.88 -10.40 9.86
C THR A 297 18.48 -9.52 8.76
N LYS A 298 19.80 -9.67 8.60
CA LYS A 298 20.59 -9.00 7.56
C LYS A 298 20.19 -9.46 6.16
N LEU A 299 20.20 -8.54 5.21
CA LEU A 299 19.88 -8.88 3.82
C LEU A 299 20.91 -9.88 3.26
N PRO A 300 20.42 -10.97 2.65
CA PRO A 300 21.31 -11.99 2.09
C PRO A 300 21.96 -11.51 0.80
N GLN A 301 22.98 -12.23 0.34
CA GLN A 301 23.75 -11.86 -0.84
C GLN A 301 22.92 -11.88 -2.13
N ASP A 302 21.98 -12.81 -2.23
CA ASP A 302 21.07 -12.89 -3.39
C ASP A 302 20.32 -11.58 -3.60
N PHE A 303 19.95 -10.92 -2.51
CA PHE A 303 19.23 -9.64 -2.57
C PHE A 303 20.06 -8.59 -3.30
N TRP A 304 21.31 -8.42 -2.88
CA TRP A 304 22.21 -7.45 -3.49
C TRP A 304 22.56 -7.80 -4.93
N ASP A 305 22.75 -9.09 -5.21
CA ASP A 305 23.11 -9.56 -6.54
C ASP A 305 21.98 -9.44 -7.56
N LYS A 306 20.74 -9.60 -7.09
CA LYS A 306 19.61 -9.79 -8.01
C LYS A 306 18.58 -8.65 -8.03
N SER A 307 18.55 -7.83 -6.98
CA SER A 307 17.59 -6.73 -6.91
C SER A 307 17.84 -5.68 -7.99
N ILE A 308 16.78 -4.96 -8.35
CA ILE A 308 16.90 -3.80 -9.22
C ILE A 308 16.54 -2.57 -8.40
N ILE A 309 17.54 -1.73 -8.14
CA ILE A 309 17.34 -0.59 -7.25
C ILE A 309 17.42 0.78 -7.95
N GLU A 310 17.56 0.76 -9.27
CA GLU A 310 17.55 1.97 -10.09
C GLU A 310 16.81 1.71 -11.38
N LYS A 311 16.11 2.72 -11.89
CA LYS A 311 15.46 2.59 -13.18
C LYS A 311 16.54 2.33 -14.24
N PRO A 312 16.38 1.24 -15.02
CA PRO A 312 17.29 0.90 -16.11
C PRO A 312 17.42 2.03 -17.13
N THR A 313 18.60 2.17 -17.71
CA THR A 313 18.91 3.29 -18.61
C THR A 313 18.85 2.94 -20.10
N ASP A 314 18.62 1.66 -20.42
CA ASP A 314 18.33 1.28 -21.81
C ASP A 314 16.88 1.69 -22.15
N GLY A 315 16.41 1.32 -23.34
CA GLY A 315 15.10 1.77 -23.79
C GLY A 315 13.89 0.99 -23.27
N ARG A 316 14.13 -0.04 -22.46
CA ARG A 316 13.09 -1.02 -22.11
C ARG A 316 11.91 -0.47 -21.33
N ASP A 317 10.76 -1.12 -21.51
CA ASP A 317 9.59 -0.88 -20.70
C ASP A 317 9.64 -1.81 -19.49
N LEU A 318 9.22 -1.28 -18.34
CA LEU A 318 9.13 -2.06 -17.10
C LEU A 318 8.07 -1.49 -16.17
N VAL A 319 7.68 -2.27 -15.17
CA VAL A 319 6.83 -1.78 -14.08
C VAL A 319 7.73 -1.09 -13.05
N CYS A 320 7.58 0.23 -12.91
CA CYS A 320 8.40 0.99 -11.96
C CYS A 320 7.77 1.11 -10.58
N HIS A 321 6.50 0.75 -10.43
CA HIS A 321 5.88 0.77 -9.11
C HIS A 321 6.63 -0.19 -8.18
N ALA A 322 7.10 0.32 -7.05
CA ALA A 322 7.98 -0.41 -6.12
C ALA A 322 7.36 -1.73 -5.66
N SER A 323 8.17 -2.79 -5.65
CA SER A 323 7.71 -4.13 -5.27
C SER A 323 8.81 -4.96 -4.61
N ALA A 324 8.38 -5.83 -3.69
CA ALA A 324 9.27 -6.77 -3.01
C ALA A 324 8.83 -8.21 -3.35
N TRP A 325 9.81 -9.10 -3.49
CA TRP A 325 9.57 -10.41 -4.09
C TRP A 325 10.17 -11.55 -3.26
N ASP A 326 9.36 -12.57 -3.01
CA ASP A 326 9.79 -13.78 -2.32
C ASP A 326 9.80 -14.92 -3.34
N PHE A 327 10.96 -15.57 -3.49
CA PHE A 327 11.09 -16.64 -4.48
C PHE A 327 10.92 -18.06 -3.90
N TYR A 328 10.61 -18.12 -2.60
CA TYR A 328 10.19 -19.35 -1.91
C TYR A 328 11.27 -20.44 -1.82
N LEU A 329 12.53 -20.04 -1.90
CA LEU A 329 13.62 -20.96 -1.64
C LEU A 329 14.17 -20.61 -0.27
N THR A 330 15.50 -20.50 -0.16
CA THR A 330 16.12 -19.95 1.04
C THR A 330 16.94 -18.73 0.61
N ASP A 331 16.62 -17.58 1.19
CA ASP A 331 17.36 -16.32 0.99
C ASP A 331 17.31 -15.70 -0.41
N ASP A 332 16.44 -16.23 -1.29
CA ASP A 332 16.24 -15.57 -2.57
C ASP A 332 15.06 -14.61 -2.48
N VAL A 333 15.37 -13.38 -2.08
CA VAL A 333 14.42 -12.29 -1.94
C VAL A 333 14.96 -11.08 -2.73
N ARG A 334 14.07 -10.31 -3.34
CA ARG A 334 14.46 -9.22 -4.22
C ARG A 334 13.54 -8.01 -4.11
N ILE A 335 14.09 -6.84 -4.38
CA ILE A 335 13.30 -5.63 -4.56
C ILE A 335 13.52 -5.08 -5.96
N LYS A 336 12.44 -4.60 -6.57
CA LYS A 336 12.51 -3.83 -7.78
C LYS A 336 11.96 -2.43 -7.46
N GLN A 337 12.83 -1.44 -7.43
CA GLN A 337 12.44 -0.06 -7.14
C GLN A 337 13.19 0.90 -8.04
N CYS A 338 12.46 1.80 -8.70
CA CYS A 338 13.07 2.86 -9.51
C CYS A 338 13.44 4.02 -8.57
N THR A 339 14.43 3.76 -7.71
CA THR A 339 14.76 4.62 -6.56
C THR A 339 15.27 6.00 -6.96
N ARG A 340 14.78 7.01 -6.26
CA ARG A 340 15.26 8.37 -6.41
C ARG A 340 15.78 8.86 -5.05
N VAL A 341 16.69 9.82 -5.08
CA VAL A 341 17.26 10.35 -3.85
C VAL A 341 16.39 11.47 -3.27
N THR A 342 15.37 11.08 -2.52
CA THR A 342 14.43 12.01 -1.86
C THR A 342 14.03 11.45 -0.49
N GLN A 343 13.47 12.32 0.35
CA GLN A 343 12.96 11.92 1.67
C GLN A 343 11.87 10.83 1.58
N ASP A 344 10.87 11.06 0.74
CA ASP A 344 9.76 10.12 0.59
C ASP A 344 10.25 8.75 0.10
N GLN A 345 11.22 8.76 -0.81
CA GLN A 345 11.83 7.54 -1.33
C GLN A 345 12.60 6.76 -0.26
N LEU A 346 13.16 7.49 0.71
CA LEU A 346 13.84 6.86 1.85
C LEU A 346 12.84 6.06 2.68
N PHE A 347 11.61 6.59 2.81
CA PHE A 347 10.53 5.88 3.48
C PHE A 347 10.09 4.65 2.69
N THR A 348 9.96 4.80 1.38
CA THR A 348 9.60 3.69 0.49
C THR A 348 10.62 2.54 0.57
N VAL A 349 11.92 2.88 0.63
CA VAL A 349 12.97 1.86 0.79
C VAL A 349 12.73 1.05 2.06
N HIS A 350 12.42 1.74 3.16
CA HIS A 350 12.13 1.06 4.43
C HIS A 350 10.82 0.25 4.41
N HIS A 351 9.83 0.75 3.67
CA HIS A 351 8.58 0.02 3.47
C HIS A 351 8.84 -1.32 2.77
N GLU A 352 9.56 -1.26 1.65
CA GLU A 352 9.86 -2.46 0.85
C GLU A 352 10.73 -3.45 1.58
N LEU A 353 11.69 -2.93 2.37
CA LEU A 353 12.57 -3.80 3.16
C LEU A 353 11.80 -4.48 4.29
N GLY A 354 10.68 -3.87 4.69
CA GLY A 354 9.76 -4.47 5.65
C GLY A 354 9.14 -5.75 5.12
N HIS A 355 8.78 -5.76 3.84
CA HIS A 355 8.28 -6.97 3.18
C HIS A 355 9.38 -8.03 3.16
N ILE A 356 10.58 -7.64 2.72
CA ILE A 356 11.73 -8.52 2.66
C ILE A 356 12.01 -9.20 4.01
N GLN A 357 12.02 -8.41 5.08
CA GLN A 357 12.23 -8.94 6.43
C GLN A 357 11.19 -9.98 6.82
N TYR A 358 9.93 -9.72 6.47
CA TYR A 358 8.84 -10.66 6.73
C TYR A 358 9.12 -11.98 5.99
N PHE A 359 9.54 -11.89 4.72
CA PHE A 359 9.88 -13.08 3.92
C PHE A 359 10.96 -13.92 4.61
N LEU A 360 12.00 -13.25 5.12
CA LEU A 360 13.12 -13.92 5.76
C LEU A 360 12.74 -14.54 7.11
N GLN A 361 11.86 -13.86 7.82
CA GLN A 361 11.41 -14.31 9.15
C GLN A 361 10.56 -15.57 9.12
N TYR A 362 9.77 -15.74 8.04
CA TYR A 362 8.91 -16.91 7.92
C TYR A 362 9.31 -17.94 6.86
N GLN A 363 10.52 -17.84 6.31
CA GLN A 363 10.93 -18.76 5.24
C GLN A 363 11.06 -20.23 5.67
N HIS A 364 11.10 -20.47 6.98
CA HIS A 364 11.18 -21.81 7.54
C HIS A 364 9.80 -22.46 7.72
N GLN A 365 8.74 -21.66 7.57
CA GLN A 365 7.37 -22.17 7.66
C GLN A 365 7.01 -23.03 6.45
N PRO A 366 6.04 -23.96 6.60
CA PRO A 366 5.52 -24.62 5.41
C PRO A 366 4.98 -23.59 4.41
N PHE A 367 5.07 -23.91 3.12
CA PHE A 367 4.69 -22.97 2.06
C PHE A 367 3.40 -22.20 2.33
N VAL A 368 2.33 -22.90 2.69
CA VAL A 368 1.02 -22.23 2.89
C VAL A 368 1.03 -21.17 3.99
N TYR A 369 2.00 -21.27 4.92
CA TYR A 369 2.13 -20.30 5.99
C TYR A 369 3.13 -19.18 5.69
N ARG A 370 3.78 -19.25 4.53
CA ARG A 370 4.78 -18.24 4.14
C ARG A 370 4.09 -17.03 3.49
N THR A 371 3.33 -16.33 4.31
CA THR A 371 2.65 -15.10 3.91
C THR A 371 2.29 -14.35 5.19
N GLY A 372 1.79 -13.12 5.06
CA GLY A 372 1.44 -12.30 6.22
C GLY A 372 0.30 -12.89 7.05
N ALA A 373 0.29 -12.56 8.35
CA ALA A 373 -0.81 -12.99 9.23
C ALA A 373 -2.16 -12.54 8.66
N ASN A 374 -2.21 -11.29 8.19
CA ASN A 374 -3.18 -10.86 7.19
C ASN A 374 -2.51 -9.87 6.24
N PRO A 375 -3.12 -9.56 5.08
CA PRO A 375 -2.43 -8.68 4.12
C PRO A 375 -1.99 -7.32 4.70
N GLY A 376 -2.74 -6.79 5.66
CA GLY A 376 -2.37 -5.54 6.34
C GLY A 376 -1.09 -5.63 7.16
N PHE A 377 -0.82 -6.80 7.75
CA PHE A 377 0.41 -7.02 8.51
C PHE A 377 1.65 -6.83 7.64
N HIS A 378 1.61 -7.39 6.43
CA HIS A 378 2.75 -7.30 5.51
C HIS A 378 3.07 -5.85 5.15
N GLU A 379 2.04 -5.05 4.96
CA GLU A 379 2.20 -3.64 4.59
C GLU A 379 2.66 -2.76 5.74
N ALA A 380 2.41 -3.21 6.97
CA ALA A 380 2.70 -2.42 8.18
C ALA A 380 4.16 -2.46 8.67
N VAL A 381 4.83 -3.59 8.45
CA VAL A 381 6.18 -3.82 9.03
C VAL A 381 7.14 -2.66 8.77
N GLY A 382 7.39 -2.38 7.49
CA GLY A 382 8.34 -1.34 7.10
C GLY A 382 7.91 0.07 7.47
N ASP A 383 6.60 0.30 7.49
CA ASP A 383 6.04 1.61 7.88
C ASP A 383 6.27 1.94 9.34
N VAL A 384 6.36 0.91 10.19
CA VAL A 384 6.70 1.11 11.59
C VAL A 384 8.09 1.70 11.73
N LEU A 385 9.03 1.20 10.93
CA LEU A 385 10.39 1.74 10.94
C LEU A 385 10.42 3.13 10.32
N SER A 386 9.70 3.31 9.20
CA SER A 386 9.58 4.62 8.54
C SER A 386 9.08 5.71 9.47
N LEU A 387 8.17 5.38 10.38
CA LEU A 387 7.70 6.33 11.38
C LEU A 387 8.84 6.84 12.27
N SER A 388 9.78 5.95 12.62
CA SER A 388 10.96 6.32 13.39
C SER A 388 11.96 7.09 12.55
N VAL A 389 12.16 6.65 11.32
CA VAL A 389 13.10 7.28 10.39
C VAL A 389 12.70 8.74 10.13
N SER A 390 11.39 8.99 10.13
CA SER A 390 10.84 10.31 9.83
C SER A 390 10.98 11.33 10.96
N THR A 391 11.23 10.86 12.18
CA THR A 391 11.34 11.73 13.36
C THR A 391 12.56 12.65 13.26
N PRO A 392 12.43 13.89 13.77
CA PRO A 392 13.59 14.75 13.91
C PRO A 392 14.71 14.06 14.69
N LYS A 393 14.35 13.31 15.73
CA LYS A 393 15.32 12.54 16.53
C LYS A 393 16.24 11.70 15.64
N HIS A 394 15.66 10.86 14.80
CA HIS A 394 16.46 9.97 13.94
C HIS A 394 17.20 10.72 12.84
N LEU A 395 16.54 11.70 12.23
CA LEU A 395 17.13 12.40 11.09
C LEU A 395 18.34 13.24 11.46
N GLU A 396 18.36 13.72 12.70
CA GLU A 396 19.52 14.40 13.27
C GLU A 396 20.69 13.44 13.49
N LYS A 397 20.40 12.23 13.96
CA LYS A 397 21.42 11.17 14.17
C LYS A 397 22.20 10.84 12.91
N ILE A 398 21.52 10.84 11.76
CA ILE A 398 22.15 10.45 10.50
C ILE A 398 22.61 11.67 9.70
N GLY A 399 22.58 12.83 10.36
CA GLY A 399 23.14 14.06 9.82
C GLY A 399 22.41 14.63 8.63
N LEU A 400 21.13 14.28 8.48
CA LEU A 400 20.30 14.78 7.39
C LEU A 400 19.50 16.02 7.81
N LEU A 401 19.33 16.19 9.11
CA LEU A 401 18.62 17.34 9.66
C LEU A 401 19.56 18.16 10.53
N LYS A 402 19.82 19.40 10.12
CA LYS A 402 20.80 20.27 10.79
C LYS A 402 20.14 21.52 11.35
N ASP A 403 20.68 22.00 12.47
CA ASP A 403 20.26 23.25 13.12
C ASP A 403 18.76 23.29 13.46
N TYR A 404 18.24 22.16 13.94
CA TYR A 404 16.82 21.99 14.21
C TYR A 404 16.50 22.28 15.67
N VAL A 405 15.56 23.18 15.91
CA VAL A 405 15.07 23.47 17.25
C VAL A 405 13.65 22.93 17.40
N ARG A 406 13.48 21.94 18.26
CA ARG A 406 12.20 21.27 18.44
C ARG A 406 11.35 21.99 19.49
N ASP A 407 10.89 23.20 19.17
CA ASP A 407 9.95 23.91 20.03
C ASP A 407 8.51 23.48 19.74
N ASP A 408 7.56 24.10 20.43
CA ASP A 408 6.13 23.78 20.29
C ASP A 408 5.61 23.89 18.85
N GLU A 409 6.09 24.90 18.14
CA GLU A 409 5.63 25.18 16.78
C GLU A 409 6.23 24.22 15.76
N ALA A 410 7.51 23.90 15.91
CA ALA A 410 8.16 22.89 15.07
C ALA A 410 7.49 21.52 15.23
N ARG A 411 7.06 21.20 16.44
CA ARG A 411 6.37 19.93 16.70
C ARG A 411 5.04 19.84 15.95
N ILE A 412 4.27 20.93 15.97
CA ILE A 412 3.00 21.00 15.22
C ILE A 412 3.25 20.87 13.71
N ASN A 413 4.29 21.52 13.20
CA ASN A 413 4.69 21.35 11.80
C ASN A 413 4.94 19.88 11.44
N GLN A 414 5.65 19.17 12.32
CA GLN A 414 6.02 17.77 12.08
C GLN A 414 4.83 16.82 12.19
N LEU A 415 3.99 17.03 13.20
CA LEU A 415 2.75 16.29 13.34
C LEU A 415 1.83 16.50 12.14
N PHE A 416 1.72 17.75 11.69
CA PHE A 416 0.90 18.07 10.52
C PHE A 416 1.45 17.37 9.29
N LEU A 417 2.74 17.42 9.10
CA LEU A 417 3.39 16.75 8.02
C LEU A 417 3.11 15.27 7.98
N THR A 418 3.25 14.62 9.11
CA THR A 418 2.91 13.20 9.26
C THR A 418 1.45 12.92 8.93
N ALA A 419 0.54 13.76 9.45
CA ALA A 419 -0.90 13.63 9.20
C ALA A 419 -1.26 13.74 7.72
N LEU A 420 -0.53 14.59 7.00
CA LEU A 420 -0.72 14.75 5.55
C LEU A 420 -0.44 13.45 4.79
N ASP A 421 0.37 12.58 5.38
CA ASP A 421 0.65 11.25 4.87
C ASP A 421 -0.28 10.19 5.47
N LYS A 422 -0.51 10.24 6.78
CA LYS A 422 -1.14 9.14 7.50
C LYS A 422 -2.66 9.23 7.68
N ILE A 423 -3.18 10.42 7.96
CA ILE A 423 -4.62 10.59 8.15
C ILE A 423 -5.33 10.75 6.81
N VAL A 424 -4.75 11.59 5.97
CA VAL A 424 -5.26 11.87 4.63
C VAL A 424 -5.47 10.61 3.79
N PHE A 425 -4.54 9.66 3.94
CA PHE A 425 -4.56 8.40 3.21
C PHE A 425 -5.76 7.50 3.54
N LEU A 426 -6.27 7.60 4.76
CA LEU A 426 -7.29 6.66 5.24
C LEU A 426 -8.56 6.64 4.36
N PRO A 427 -9.21 7.82 4.16
CA PRO A 427 -10.38 7.79 3.29
C PRO A 427 -10.04 7.36 1.87
N PHE A 428 -8.87 7.75 1.36
CA PHE A 428 -8.44 7.33 0.03
C PHE A 428 -8.41 5.80 -0.08
N ALA A 429 -7.68 5.16 0.84
CA ALA A 429 -7.52 3.70 0.85
C ALA A 429 -8.85 2.97 0.96
N PHE A 430 -9.76 3.48 1.80
CA PHE A 430 -11.07 2.87 1.97
C PHE A 430 -11.86 2.90 0.66
N THR A 431 -11.79 4.03 -0.06
CA THR A 431 -12.55 4.17 -1.32
C THR A 431 -12.06 3.29 -2.47
N MET A 432 -10.75 2.99 -2.52
CA MET A 432 -10.22 2.11 -3.56
C MET A 432 -10.94 0.75 -3.57
N ASP A 433 -11.11 0.16 -2.38
CA ASP A 433 -11.81 -1.11 -2.30
C ASP A 433 -13.33 -0.98 -2.20
N LYS A 434 -13.84 0.07 -1.56
CA LYS A 434 -15.31 0.30 -1.58
C LYS A 434 -15.81 0.35 -3.02
N TYR A 435 -15.04 1.01 -3.89
CA TYR A 435 -15.37 1.07 -5.31
C TYR A 435 -15.39 -0.31 -5.94
N ARG A 436 -14.26 -1.01 -5.87
CA ARG A 436 -14.16 -2.33 -6.51
C ARG A 436 -15.14 -3.35 -5.91
N TRP A 437 -15.33 -3.31 -4.59
CA TRP A 437 -16.34 -4.16 -3.96
C TRP A 437 -17.71 -3.92 -4.59
N SER A 438 -18.06 -2.65 -4.80
CA SER A 438 -19.37 -2.31 -5.37
C SER A 438 -19.55 -2.83 -6.80
N LEU A 439 -18.46 -2.82 -7.58
CA LEU A 439 -18.51 -3.40 -8.93
C LEU A 439 -18.54 -4.93 -8.89
N PHE A 440 -17.69 -5.51 -8.04
CA PHE A 440 -17.67 -6.97 -7.86
C PHE A 440 -19.05 -7.51 -7.45
N ARG A 441 -19.69 -6.79 -6.54
CA ARG A 441 -20.98 -7.20 -5.97
C ARG A 441 -22.17 -6.93 -6.90
N GLY A 442 -21.92 -6.28 -8.03
CA GLY A 442 -22.97 -5.96 -8.99
C GLY A 442 -23.92 -4.89 -8.49
N GLU A 443 -23.40 -3.93 -7.72
CA GLU A 443 -24.21 -2.88 -7.12
C GLU A 443 -24.30 -1.62 -7.99
N VAL A 444 -23.44 -1.54 -9.01
CA VAL A 444 -23.41 -0.38 -9.91
C VAL A 444 -23.58 -0.87 -11.35
N ASP A 445 -24.55 -0.29 -12.06
CA ASP A 445 -24.74 -0.58 -13.48
C ASP A 445 -23.57 -0.02 -14.29
N LYS A 446 -23.18 -0.74 -15.34
CA LYS A 446 -22.02 -0.38 -16.17
C LYS A 446 -22.09 1.05 -16.70
N ALA A 447 -23.30 1.54 -16.92
CA ALA A 447 -23.51 2.91 -17.39
C ALA A 447 -23.10 3.96 -16.35
N ASN A 448 -22.97 3.56 -15.08
CA ASN A 448 -22.66 4.50 -14.00
C ASN A 448 -21.30 4.27 -13.33
N TRP A 449 -20.43 3.49 -13.97
CA TRP A 449 -19.17 3.08 -13.35
C TRP A 449 -18.18 4.20 -13.03
N ASN A 450 -18.03 5.17 -13.93
CA ASN A 450 -17.05 6.23 -13.68
C ASN A 450 -17.51 7.23 -12.63
N CYS A 451 -18.77 7.65 -12.70
CA CYS A 451 -19.24 8.62 -11.72
C CYS A 451 -19.45 7.98 -10.33
N ALA A 452 -19.62 6.65 -10.28
CA ALA A 452 -19.59 5.93 -9.01
C ALA A 452 -18.22 6.03 -8.33
N PHE A 453 -17.15 6.09 -9.13
CA PHE A 453 -15.79 6.26 -8.61
C PHE A 453 -15.62 7.65 -8.00
N TRP A 454 -15.93 8.68 -8.78
CA TRP A 454 -15.80 10.06 -8.30
C TRP A 454 -16.77 10.42 -7.18
N LYS A 455 -17.95 9.79 -7.14
CA LYS A 455 -18.89 9.97 -6.03
C LYS A 455 -18.25 9.55 -4.70
N LEU A 456 -17.59 8.41 -4.69
CA LEU A 456 -16.89 7.92 -3.51
C LEU A 456 -15.73 8.81 -3.08
N ARG A 457 -14.92 9.24 -4.05
CA ARG A 457 -13.79 10.12 -3.77
C ARG A 457 -14.27 11.44 -3.15
N ASP A 458 -15.43 11.92 -3.63
CA ASP A 458 -16.09 13.11 -3.09
C ASP A 458 -16.57 12.84 -1.65
N GLU A 459 -17.45 11.86 -1.49
CA GLU A 459 -18.08 11.54 -0.20
C GLU A 459 -17.06 11.35 0.94
N TYR A 460 -15.99 10.59 0.68
CA TYR A 460 -15.04 10.25 1.72
C TYR A 460 -13.86 11.21 1.85
N SER A 461 -13.28 11.63 0.72
CA SER A 461 -12.08 12.48 0.72
C SER A 461 -12.32 13.97 0.49
N GLY A 462 -13.46 14.31 -0.09
CA GLY A 462 -13.76 15.73 -0.37
C GLY A 462 -12.81 16.33 -1.38
N ILE A 463 -12.44 15.52 -2.37
CA ILE A 463 -11.61 15.94 -3.49
C ILE A 463 -12.38 15.64 -4.78
N GLU A 464 -11.93 16.26 -5.87
CA GLU A 464 -12.59 16.13 -7.18
C GLU A 464 -11.57 16.37 -8.31
N PRO A 465 -11.87 15.87 -9.52
CA PRO A 465 -10.99 16.10 -10.67
C PRO A 465 -10.85 17.58 -11.03
N PRO A 466 -9.72 17.97 -11.65
CA PRO A 466 -9.51 19.36 -12.06
C PRO A 466 -10.44 19.80 -13.18
N VAL A 467 -10.91 18.83 -13.96
CA VAL A 467 -11.78 19.08 -15.10
C VAL A 467 -13.01 18.19 -14.99
N VAL A 468 -14.07 18.57 -15.71
CA VAL A 468 -15.30 17.79 -15.77
C VAL A 468 -15.05 16.44 -16.45
N ARG A 469 -15.39 15.35 -15.74
CA ARG A 469 -15.34 14.01 -16.28
C ARG A 469 -16.76 13.52 -16.54
N SER A 470 -16.89 12.47 -17.34
CA SER A 470 -18.19 11.85 -17.62
C SER A 470 -18.01 10.36 -17.76
N GLU A 471 -19.07 9.67 -18.21
CA GLU A 471 -19.00 8.23 -18.43
C GLU A 471 -18.27 7.89 -19.73
N LYS A 472 -17.85 8.93 -20.46
CA LYS A 472 -16.94 8.75 -21.58
C LYS A 472 -15.53 8.48 -21.09
N ASP A 473 -15.25 8.89 -19.85
CA ASP A 473 -13.95 8.63 -19.21
C ASP A 473 -14.06 7.42 -18.30
N PHE A 474 -12.93 6.82 -17.95
CA PHE A 474 -12.90 5.74 -16.96
C PHE A 474 -11.62 5.82 -16.14
N ASP A 475 -11.72 6.44 -14.99
CA ASP A 475 -10.55 6.96 -14.28
C ASP A 475 -9.90 6.05 -13.23
N ALA A 476 -10.63 5.06 -12.74
CA ALA A 476 -10.13 4.18 -11.67
C ALA A 476 -8.79 3.49 -11.97
N PRO A 477 -8.63 2.92 -13.19
CA PRO A 477 -7.39 2.21 -13.51
C PRO A 477 -6.15 3.10 -13.64
N ALA A 478 -6.31 4.42 -13.52
CA ALA A 478 -5.17 5.32 -13.49
C ALA A 478 -4.34 5.15 -12.22
N LYS A 479 -4.89 4.43 -11.24
CA LYS A 479 -4.17 4.04 -10.02
C LYS A 479 -3.57 2.65 -10.23
N TYR A 480 -2.27 2.52 -9.99
CA TYR A 480 -1.54 1.28 -10.30
C TYR A 480 -2.25 0.00 -9.83
N HIS A 481 -2.62 -0.04 -8.56
CA HIS A 481 -3.22 -1.23 -7.95
C HIS A 481 -4.54 -1.64 -8.59
N ILE A 482 -5.25 -0.68 -9.16
CA ILE A 482 -6.49 -0.99 -9.88
C ILE A 482 -6.21 -1.64 -11.25
N SER A 483 -5.22 -1.11 -11.98
CA SER A 483 -4.78 -1.73 -13.23
C SER A 483 -4.13 -3.10 -13.02
N ALA A 484 -3.41 -3.24 -11.90
CA ALA A 484 -2.64 -4.46 -11.61
C ALA A 484 -3.37 -5.48 -10.72
N ASP A 485 -4.64 -5.22 -10.40
CA ASP A 485 -5.46 -6.15 -9.60
C ASP A 485 -4.79 -6.51 -8.26
N VAL A 486 -4.46 -5.49 -7.48
CA VAL A 486 -3.92 -5.69 -6.14
C VAL A 486 -4.93 -5.15 -5.15
N GLU A 487 -5.39 -6.01 -4.24
CA GLU A 487 -6.32 -5.61 -3.19
C GLU A 487 -5.74 -4.42 -2.41
N TYR A 488 -6.58 -3.43 -2.09
CA TYR A 488 -6.09 -2.19 -1.47
C TYR A 488 -6.40 -2.06 0.02
N LEU A 489 -7.36 -2.83 0.52
CA LEU A 489 -7.75 -2.78 1.94
C LEU A 489 -6.57 -3.04 2.88
N ARG A 490 -5.62 -3.86 2.41
CA ARG A 490 -4.36 -4.08 3.11
C ARG A 490 -3.70 -2.79 3.59
N TYR A 491 -3.80 -1.71 2.80
CA TYR A 491 -3.15 -0.46 3.15
C TYR A 491 -3.93 0.33 4.19
N LEU A 492 -5.26 0.27 4.14
CA LEU A 492 -6.07 0.88 5.18
C LEU A 492 -5.79 0.20 6.51
N VAL A 493 -5.79 -1.14 6.50
CA VAL A 493 -5.51 -1.94 7.69
C VAL A 493 -4.11 -1.59 8.24
N SER A 494 -3.11 -1.60 7.36
CA SER A 494 -1.74 -1.23 7.70
C SER A 494 -1.62 0.12 8.41
N PHE A 495 -2.25 1.15 7.85
CA PHE A 495 -2.17 2.51 8.42
C PHE A 495 -2.81 2.63 9.80
N ILE A 496 -3.74 1.73 10.11
CA ILE A 496 -4.30 1.64 11.46
C ILE A 496 -3.37 0.83 12.38
N ILE A 497 -3.05 -0.40 12.01
CA ILE A 497 -2.30 -1.30 12.89
C ILE A 497 -0.83 -0.90 13.07
N GLN A 498 -0.25 -0.19 12.11
CA GLN A 498 1.15 0.24 12.24
C GLN A 498 1.38 1.14 13.47
N PHE A 499 0.33 1.86 13.89
CA PHE A 499 0.42 2.71 15.07
C PHE A 499 0.30 1.89 16.35
N GLN A 500 -0.43 0.78 16.28
CA GLN A 500 -0.47 -0.20 17.37
C GLN A 500 0.93 -0.80 17.55
N PHE A 501 1.55 -1.19 16.44
CA PHE A 501 2.93 -1.73 16.45
C PHE A 501 3.95 -0.69 16.91
N TYR A 502 3.87 0.52 16.33
CA TYR A 502 4.79 1.61 16.66
C TYR A 502 4.74 1.98 18.13
N LYS A 503 3.53 2.20 18.66
CA LYS A 503 3.32 2.54 20.06
C LYS A 503 3.90 1.48 21.01
N SER A 504 3.64 0.22 20.72
CA SER A 504 4.15 -0.88 21.54
C SER A 504 5.66 -1.04 21.43
N ALA A 505 6.19 -0.91 20.20
CA ALA A 505 7.63 -0.97 19.97
C ALA A 505 8.35 0.17 20.71
N CYS A 506 7.73 1.34 20.74
CA CYS A 506 8.27 2.50 21.44
C CYS A 506 8.26 2.33 22.96
N ILE A 507 7.16 1.79 23.50
CA ILE A 507 7.06 1.50 24.94
C ILE A 507 8.14 0.48 25.34
N LYS A 508 8.28 -0.58 24.54
CA LYS A 508 9.31 -1.60 24.74
C LYS A 508 10.72 -1.01 24.69
N ALA A 509 10.95 -0.08 23.76
CA ALA A 509 12.27 0.54 23.58
C ALA A 509 12.59 1.59 24.64
N GLY A 510 11.65 1.84 25.54
CA GLY A 510 11.78 2.89 26.56
C GLY A 510 11.73 4.28 25.95
N GLN A 511 11.15 4.36 24.74
CA GLN A 511 11.16 5.59 23.95
C GLN A 511 9.85 6.36 24.04
N TYR A 512 8.83 5.76 24.64
CA TYR A 512 7.55 6.42 24.84
C TYR A 512 6.98 6.22 26.23
N ASP A 513 6.67 7.34 26.87
CA ASP A 513 6.00 7.36 28.17
C ASP A 513 4.99 8.49 28.12
N PRO A 514 3.68 8.16 28.21
CA PRO A 514 2.61 9.14 28.08
C PRO A 514 2.57 10.20 29.20
N ASP A 515 3.30 9.95 30.28
CA ASP A 515 3.36 10.88 31.42
C ASP A 515 4.68 11.64 31.49
N ASN A 516 5.59 11.32 30.58
CA ASN A 516 6.88 12.01 30.49
C ASN A 516 6.95 12.87 29.25
N VAL A 517 6.99 14.19 29.47
CA VAL A 517 7.02 15.19 28.39
C VAL A 517 8.25 15.07 27.49
N GLU A 518 9.30 14.42 27.99
CA GLU A 518 10.54 14.25 27.23
C GLU A 518 10.48 13.06 26.26
N LEU A 519 9.49 12.20 26.44
CA LEU A 519 9.34 11.02 25.59
C LEU A 519 7.99 10.99 24.87
N PRO A 520 7.79 11.90 23.89
CA PRO A 520 6.52 11.90 23.18
C PRO A 520 6.52 10.83 22.08
N LEU A 521 5.34 10.33 21.75
CA LEU A 521 5.21 9.27 20.74
C LEU A 521 5.74 9.73 19.38
N ASP A 522 5.49 10.99 19.04
CA ASP A 522 5.88 11.54 17.75
C ASP A 522 7.38 11.87 17.59
N ASN A 523 8.18 11.58 18.61
CA ASN A 523 9.64 11.68 18.44
C ASN A 523 10.41 10.40 18.82
N CYS A 524 9.69 9.28 18.85
CA CYS A 524 10.28 7.98 19.17
C CYS A 524 11.14 7.42 18.04
N ASP A 525 12.35 7.01 18.36
CA ASP A 525 13.22 6.30 17.43
C ASP A 525 13.52 4.91 17.99
N ILE A 526 13.11 3.87 17.26
CA ILE A 526 13.35 2.50 17.70
C ILE A 526 14.65 1.90 17.17
N TYR A 527 15.45 2.69 16.45
CA TYR A 527 16.77 2.27 15.98
C TYR A 527 17.57 1.68 17.15
N GLY A 528 18.26 0.57 16.89
CA GLY A 528 19.12 -0.06 17.87
C GLY A 528 18.43 -0.79 19.01
N SER A 529 17.10 -0.85 18.99
CA SER A 529 16.35 -1.52 20.04
C SER A 529 16.16 -3.01 19.75
N ALA A 530 16.85 -3.85 20.53
CA ALA A 530 16.71 -5.30 20.45
C ALA A 530 15.40 -5.77 21.05
N ALA A 531 14.91 -5.01 22.04
CA ALA A 531 13.61 -5.25 22.66
C ALA A 531 12.44 -5.10 21.68
N ALA A 532 12.47 -4.06 20.86
CA ALA A 532 11.46 -3.86 19.82
C ALA A 532 11.59 -4.94 18.76
N GLY A 533 12.84 -5.27 18.40
CA GLY A 533 13.15 -6.34 17.46
C GLY A 533 12.64 -7.70 17.89
N ALA A 534 12.73 -7.97 19.19
CA ALA A 534 12.25 -9.23 19.78
C ALA A 534 10.76 -9.41 19.52
N ALA A 535 9.99 -8.34 19.69
CA ALA A 535 8.55 -8.36 19.44
C ALA A 535 8.25 -8.64 17.96
N PHE A 536 9.01 -8.01 17.07
CA PHE A 536 8.89 -8.25 15.64
C PHE A 536 9.23 -9.69 15.26
N HIS A 537 10.34 -10.20 15.79
CA HIS A 537 10.72 -11.58 15.52
C HIS A 537 9.61 -12.54 15.96
N ASN A 538 9.08 -12.34 17.17
CA ASN A 538 8.00 -13.16 17.70
C ASN A 538 6.77 -13.21 16.80
N MET A 539 6.44 -12.08 16.18
CA MET A 539 5.24 -11.98 15.35
C MET A 539 5.48 -12.44 13.92
N LEU A 540 6.53 -11.92 13.30
CA LEU A 540 6.78 -12.19 11.89
C LEU A 540 7.15 -13.65 11.61
N SER A 541 7.81 -14.30 12.56
CA SER A 541 8.24 -15.69 12.37
C SER A 541 7.06 -16.65 12.28
N MET A 542 5.90 -16.20 12.74
CA MET A 542 4.67 -16.98 12.68
C MET A 542 4.11 -17.09 11.26
N GLY A 543 4.43 -16.12 10.41
CA GLY A 543 3.79 -16.02 9.10
C GLY A 543 2.27 -16.09 9.26
N ALA A 544 1.65 -16.99 8.51
CA ALA A 544 0.21 -17.18 8.56
C ALA A 544 -0.20 -18.48 9.27
N SER A 545 0.67 -18.96 10.16
CA SER A 545 0.42 -20.22 10.89
C SER A 545 -0.77 -20.16 11.85
N LYS A 546 -1.13 -18.95 12.27
CA LYS A 546 -2.23 -18.72 13.19
C LYS A 546 -3.09 -17.54 12.70
N PRO A 547 -4.39 -17.50 13.09
CA PRO A 547 -5.20 -16.32 12.80
C PRO A 547 -4.52 -15.05 13.31
N TRP A 548 -4.69 -13.94 12.60
CA TRP A 548 -3.96 -12.69 12.88
C TRP A 548 -4.05 -12.12 14.31
N PRO A 549 -5.20 -12.32 15.01
CA PRO A 549 -5.20 -11.87 16.41
C PRO A 549 -4.13 -12.55 17.30
N ASP A 550 -3.76 -13.79 16.96
CA ASP A 550 -2.67 -14.50 17.66
C ASP A 550 -1.30 -13.92 17.32
N ALA A 551 -1.16 -13.41 16.10
CA ALA A 551 0.07 -12.76 15.67
C ALA A 551 0.25 -11.41 16.36
N LEU A 552 -0.86 -10.68 16.52
CA LEU A 552 -0.85 -9.42 17.27
C LEU A 552 -0.55 -9.68 18.74
N GLU A 553 -1.13 -10.75 19.28
CA GLU A 553 -0.91 -11.13 20.67
C GLU A 553 0.55 -11.43 20.98
N ALA A 554 1.22 -12.09 20.04
CA ALA A 554 2.65 -12.39 20.16
C ALA A 554 3.50 -11.13 20.19
N PHE A 555 3.03 -10.07 19.51
CA PHE A 555 3.75 -8.80 19.50
C PHE A 555 3.60 -8.02 20.81
N ASN A 556 2.36 -7.81 21.25
CA ASN A 556 2.10 -6.92 22.38
C ASN A 556 0.97 -7.35 23.33
N GLY A 557 0.49 -8.58 23.18
CA GLY A 557 -0.57 -9.10 24.05
C GLY A 557 -1.99 -8.67 23.71
N GLU A 558 -2.15 -7.87 22.66
CA GLU A 558 -3.47 -7.43 22.21
C GLU A 558 -4.01 -8.37 21.13
N ARG A 559 -5.33 -8.41 20.98
CA ARG A 559 -5.96 -9.29 19.98
C ARG A 559 -6.94 -8.55 19.07
N ILE A 560 -7.05 -7.23 19.26
CA ILE A 560 -8.06 -6.43 18.58
C ILE A 560 -7.43 -5.32 17.75
N MET A 561 -7.89 -5.18 16.51
CA MET A 561 -7.53 -4.03 15.66
C MET A 561 -8.24 -2.80 16.22
N SER A 562 -7.46 -1.76 16.52
CA SER A 562 -7.98 -0.59 17.23
C SER A 562 -7.42 0.73 16.71
N GLY A 563 -8.29 1.75 16.67
CA GLY A 563 -7.90 3.10 16.28
C GLY A 563 -7.36 3.93 17.43
N LYS A 564 -7.25 3.33 18.61
CA LYS A 564 -6.75 4.03 19.81
C LYS A 564 -5.35 4.62 19.62
N ALA A 565 -4.45 3.83 19.02
CA ALA A 565 -3.05 4.22 18.89
C ALA A 565 -2.83 5.37 17.91
N ILE A 566 -3.47 5.32 16.74
CA ILE A 566 -3.33 6.42 15.77
C ILE A 566 -3.92 7.73 16.33
N ALA A 567 -5.04 7.63 17.03
CA ALA A 567 -5.66 8.80 17.66
C ALA A 567 -4.77 9.38 18.76
N GLU A 568 -4.09 8.50 19.50
CA GLU A 568 -3.17 8.88 20.56
C GLU A 568 -1.96 9.64 19.98
N TYR A 569 -1.41 9.13 18.88
CA TYR A 569 -0.31 9.78 18.18
C TYR A 569 -0.64 11.21 17.76
N PHE A 570 -1.84 11.41 17.20
CA PHE A 570 -2.21 12.71 16.64
C PHE A 570 -3.01 13.61 17.58
N GLU A 571 -3.21 13.16 18.82
CA GLU A 571 -3.97 13.93 19.79
C GLU A 571 -3.47 15.39 20.01
N PRO A 572 -2.13 15.60 20.07
CA PRO A 572 -1.68 16.99 20.22
C PRO A 572 -2.01 17.86 19.00
N LEU A 573 -2.01 17.25 17.81
CA LEU A 573 -2.37 17.95 16.59
C LEU A 573 -3.86 18.28 16.56
N ARG A 574 -4.69 17.32 16.97
CA ARG A 574 -6.15 17.50 17.01
C ARG A 574 -6.54 18.71 17.86
N VAL A 575 -5.94 18.80 19.05
CA VAL A 575 -6.22 19.92 19.97
C VAL A 575 -5.83 21.26 19.34
N TRP A 576 -4.60 21.34 18.82
CA TRP A 576 -4.12 22.56 18.17
C TRP A 576 -4.95 22.94 16.95
N LEU A 577 -5.31 21.95 16.14
CA LEU A 577 -5.95 22.18 14.85
C LEU A 577 -7.41 22.63 14.99
N GLU A 578 -8.13 22.00 15.91
CA GLU A 578 -9.50 22.37 16.20
C GLU A 578 -9.58 23.83 16.66
N ALA A 579 -8.61 24.24 17.47
CA ALA A 579 -8.52 25.61 17.96
C ALA A 579 -8.11 26.59 16.85
N GLU A 580 -7.17 26.16 16.00
CA GLU A 580 -6.71 27.00 14.89
C GLU A 580 -7.79 27.26 13.85
N ASN A 581 -8.58 26.23 13.55
CA ASN A 581 -9.72 26.37 12.64
C ASN A 581 -10.80 27.30 13.18
N ILE A 582 -11.08 27.21 14.48
CA ILE A 582 -12.01 28.14 15.13
C ILE A 582 -11.45 29.57 15.10
N LYS A 583 -10.18 29.74 15.46
CA LYS A 583 -9.51 31.03 15.42
C LYS A 583 -9.62 31.72 14.06
N ASN A 584 -9.47 30.93 12.99
CA ASN A 584 -9.46 31.44 11.62
C ASN A 584 -10.81 31.29 10.92
N ASN A 585 -11.83 30.90 11.67
CA ASN A 585 -13.20 30.75 11.15
C ASN A 585 -13.23 29.87 9.90
N VAL A 586 -12.53 28.74 9.96
CA VAL A 586 -12.34 27.87 8.81
C VAL A 586 -13.59 27.04 8.54
N HIS A 587 -14.06 27.07 7.29
CA HIS A 587 -15.20 26.26 6.90
C HIS A 587 -14.83 24.78 6.85
N ILE A 588 -15.71 23.95 7.39
CA ILE A 588 -15.48 22.51 7.48
C ILE A 588 -16.59 21.80 6.71
N GLY A 589 -16.20 20.83 5.88
CA GLY A 589 -17.16 20.08 5.07
C GLY A 589 -17.20 20.60 3.66
N TRP A 590 -17.91 19.90 2.78
CA TRP A 590 -17.95 20.26 1.37
C TRP A 590 -19.28 19.94 0.72
N THR A 591 -19.64 20.74 -0.27
CA THR A 591 -20.81 20.50 -1.10
C THR A 591 -20.52 19.35 -2.07
N THR A 592 -21.56 18.78 -2.65
CA THR A 592 -21.39 17.70 -3.63
C THR A 592 -20.75 18.23 -4.90
N SER A 593 -19.74 17.49 -5.40
CA SER A 593 -18.98 17.88 -6.57
C SER A 593 -19.83 17.94 -7.84
N ASN A 594 -19.47 18.85 -8.75
CA ASN A 594 -20.10 18.99 -10.06
CA ASN A 594 -20.17 18.88 -10.04
C ASN A 594 -19.24 18.49 -11.21
N LYS A 595 -18.15 17.79 -10.86
CA LYS A 595 -17.11 17.41 -11.83
C LYS A 595 -17.27 16.04 -12.52
N CYS A 596 -18.37 15.34 -12.26
CA CYS A 596 -18.67 14.12 -13.03
C CYS A 596 -20.11 14.17 -13.53
N VAL A 597 -20.26 14.28 -14.84
CA VAL A 597 -21.56 14.39 -15.49
C VAL A 597 -22.15 13.01 -15.77
N SER A 598 -23.34 12.77 -15.23
CA SER A 598 -24.08 11.54 -15.49
C SER A 598 -24.79 11.62 -16.84
C1 NAG B . -19.74 -25.03 -3.94
C2 NAG B . -18.75 -26.17 -3.76
C3 NAG B . -19.17 -27.35 -4.65
C4 NAG B . -20.62 -27.73 -4.42
C5 NAG B . -21.53 -26.49 -4.51
C6 NAG B . -22.97 -26.86 -4.14
C7 NAG B . -16.40 -25.58 -3.29
C8 NAG B . -15.09 -25.14 -3.89
N2 NAG B . -17.41 -25.75 -4.14
O3 NAG B . -18.33 -28.46 -4.39
O4 NAG B . -20.99 -28.66 -5.42
O5 NAG B . -21.06 -25.45 -3.65
O6 NAG B . -23.79 -25.73 -4.28
O7 NAG B . -16.49 -25.77 -2.08
C1 NAG B . -21.41 -29.93 -4.87
C2 NAG B . -22.07 -30.71 -6.01
C3 NAG B . -22.56 -32.06 -5.51
C4 NAG B . -21.45 -32.84 -4.78
C5 NAG B . -20.69 -31.95 -3.80
C6 NAG B . -19.42 -32.64 -3.36
C7 NAG B . -24.32 -29.65 -6.23
C8 NAG B . -25.16 -28.77 -7.11
N2 NAG B . -23.09 -29.89 -6.67
O3 NAG B . -23.03 -32.81 -6.60
O4 NAG B . -22.02 -33.91 -4.07
O5 NAG B . -20.35 -30.68 -4.33
O6 NAG B . -19.10 -32.22 -2.05
O7 NAG B . -24.80 -30.09 -5.18
C1 BMA B . -21.95 -35.17 -4.79
C2 BMA B . -21.73 -36.32 -3.81
C3 BMA B . -21.78 -37.69 -4.51
C4 BMA B . -22.96 -37.81 -5.46
C5 BMA B . -23.08 -36.57 -6.35
C6 BMA B . -24.30 -36.64 -7.26
O2 BMA B . -22.70 -36.26 -2.79
O3 BMA B . -21.85 -38.73 -3.54
O4 BMA B . -22.79 -38.98 -6.24
O5 BMA B . -23.13 -35.42 -5.54
O6 BMA B . -24.71 -35.32 -7.61
C1 MAN B . -20.56 -39.34 -3.35
C2 MAN B . -20.72 -40.82 -2.95
C3 MAN B . -21.22 -40.97 -1.51
C4 MAN B . -20.50 -40.03 -0.53
C5 MAN B . -20.32 -38.61 -1.09
C6 MAN B . -19.43 -37.72 -0.23
O2 MAN B . -19.48 -41.50 -3.12
O3 MAN B . -21.06 -42.30 -1.08
O4 MAN B . -21.21 -39.99 0.68
O5 MAN B . -19.75 -38.68 -2.39
O6 MAN B . -18.77 -38.50 0.73
C1 BMA B . -18.15 -37.68 1.74
C2 BMA B . -19.01 -37.64 3.02
C3 BMA B . -18.67 -38.78 3.99
C4 BMA B . -17.95 -39.91 3.28
C5 BMA B . -16.66 -39.40 2.61
C6 BMA B . -16.16 -40.38 1.54
O2 BMA B . -20.38 -37.66 2.70
O3 BMA B . -19.85 -39.25 4.61
O4 BMA B . -17.66 -40.94 4.20
O5 BMA B . -16.82 -38.10 2.04
O6 BMA B . -15.38 -41.38 2.16
C1 MAN B . -25.17 -35.27 -8.97
C2 MAN B . -24.32 -34.27 -9.79
C3 MAN B . -24.82 -32.81 -9.68
C4 MAN B . -26.35 -32.70 -9.66
C5 MAN B . -26.94 -33.72 -8.66
C6 MAN B . -28.46 -33.63 -8.56
O2 MAN B . -24.29 -34.67 -11.14
O3 MAN B . -24.32 -32.03 -10.75
O4 MAN B . -26.71 -31.39 -9.31
O5 MAN B . -26.55 -35.02 -9.07
O6 MAN B . -28.87 -34.18 -7.33
O1 X8Z C . 2.06 0.46 -3.30
C4 X8Z C . 2.67 0.77 -2.22
C2 X8Z C . 4.07 0.22 -1.98
C1 X8Z C . 4.17 -1.14 -2.66
S X8Z C . 3.56 -2.52 -1.69
C3 X8Z C . 5.07 1.25 -2.53
N X8Z C . 2.05 1.59 -1.33
C8 X8Z C . 0.68 2.16 -1.58
C9 X8Z C . 0.70 3.11 -2.80
O3 X8Z C . 1.71 3.63 -3.20
O2 X8Z C . -0.44 3.35 -3.37
C5 X8Z C . 2.57 2.09 0.00
C6 X8Z C . 1.54 2.99 0.54
C7 X8Z C . 0.31 2.91 -0.33
ZN ZN D . 3.96 -2.79 0.40
C1 NAG E . 19.20 -11.39 19.18
C2 NAG E . 19.04 -11.44 20.70
C3 NAG E . 19.16 -12.86 21.25
C4 NAG E . 18.32 -13.82 20.43
C5 NAG E . 18.65 -13.66 18.95
C6 NAG E . 17.83 -14.63 18.10
C7 NAG E . 19.70 -9.55 22.09
C8 NAG E . 20.83 -8.76 22.66
N2 NAG E . 20.04 -10.58 21.32
O3 NAG E . 18.74 -12.90 22.59
O4 NAG E . 18.58 -15.15 20.84
O5 NAG E . 18.36 -12.34 18.58
O6 NAG E . 17.93 -14.24 16.74
O7 NAG E . 18.54 -9.23 22.32
C1 NAG F . 14.17 -8.20 -22.49
C2 NAG F . 15.68 -8.42 -22.35
C3 NAG F . 16.33 -9.03 -23.60
C4 NAG F . 15.48 -10.14 -24.18
C5 NAG F . 14.06 -9.66 -24.34
C6 NAG F . 13.18 -10.74 -24.98
C7 NAG F . 17.05 -6.94 -20.99
C8 NAG F . 17.69 -5.58 -20.87
N2 NAG F . 16.34 -7.15 -22.09
O3 NAG F . 17.60 -9.52 -23.27
O4 NAG F . 16.00 -10.52 -25.43
O5 NAG F . 13.56 -9.34 -23.06
O6 NAG F . 11.84 -10.56 -24.57
O7 NAG F . 17.21 -7.78 -20.11
#